data_2DT6
#
_entry.id   2DT6
#
_cell.length_a   1.000
_cell.length_b   1.000
_cell.length_c   1.000
_cell.angle_alpha   90.00
_cell.angle_beta   90.00
_cell.angle_gamma   90.00
#
_symmetry.space_group_name_H-M   'P 1'
#
_entity_poly.entity_id   1
_entity_poly.type   'polypeptide(L)'
_entity_poly.pdbx_seq_one_letter_code
;GEVRNIVDKTASFVARNGPEFEARIRQNEINNPKFNFLNPNDPYHAYYRHKVSEFKEGKAQEPS
;
_entity_poly.pdbx_strand_id   A
#
# COMPACT_ATOMS: atom_id res chain seq x y z
N GLY A 1 -6.75 12.07 -5.46
CA GLY A 1 -6.94 10.74 -6.04
C GLY A 1 -7.01 9.71 -4.94
N GLU A 2 -8.11 8.95 -4.92
CA GLU A 2 -8.37 7.93 -3.93
C GLU A 2 -7.36 6.80 -3.99
N VAL A 3 -7.16 6.24 -5.16
CA VAL A 3 -6.23 5.13 -5.36
C VAL A 3 -4.84 5.48 -4.82
N ARG A 4 -4.28 6.64 -5.18
CA ARG A 4 -2.96 7.00 -4.66
C ARG A 4 -3.00 7.21 -3.16
N ASN A 5 -4.11 7.74 -2.62
CA ASN A 5 -4.18 7.98 -1.18
C ASN A 5 -4.26 6.67 -0.42
N ILE A 6 -5.10 5.72 -0.84
CA ILE A 6 -5.19 4.44 -0.16
C ILE A 6 -3.86 3.70 -0.30
N VAL A 7 -3.18 3.81 -1.45
CA VAL A 7 -1.90 3.17 -1.70
C VAL A 7 -0.91 3.72 -0.69
N ASP A 8 -0.70 5.04 -0.71
CA ASP A 8 0.21 5.79 0.14
C ASP A 8 -0.03 5.45 1.62
N LYS A 9 -1.28 5.54 2.09
CA LYS A 9 -1.66 5.26 3.47
C LYS A 9 -1.48 3.79 3.84
N THR A 10 -1.93 2.87 2.99
CA THR A 10 -1.77 1.45 3.27
C THR A 10 -0.26 1.13 3.32
N ALA A 11 0.52 1.69 2.39
CA ALA A 11 1.95 1.49 2.31
C ALA A 11 2.57 1.98 3.61
N SER A 12 2.16 3.13 4.14
CA SER A 12 2.66 3.68 5.39
C SER A 12 2.50 2.67 6.52
N PHE A 13 1.28 2.14 6.73
CA PHE A 13 1.03 1.19 7.81
C PHE A 13 1.85 -0.08 7.66
N VAL A 14 1.95 -0.60 6.44
CA VAL A 14 2.71 -1.79 6.13
C VAL A 14 4.21 -1.48 6.24
N ALA A 15 4.61 -0.23 6.04
CA ALA A 15 5.99 0.19 6.15
C ALA A 15 6.36 0.21 7.63
N ARG A 16 5.45 0.65 8.51
CA ARG A 16 5.76 0.70 9.93
C ARG A 16 5.68 -0.69 10.55
N ASN A 17 4.53 -1.35 10.42
CA ASN A 17 4.28 -2.68 10.99
C ASN A 17 4.96 -3.83 10.25
N GLY A 18 5.54 -3.59 9.08
CA GLY A 18 6.23 -4.60 8.28
C GLY A 18 5.34 -5.19 7.20
N PRO A 19 5.93 -5.91 6.22
CA PRO A 19 5.19 -6.52 5.12
C PRO A 19 4.25 -7.63 5.57
N GLU A 20 4.31 -8.04 6.84
CA GLU A 20 3.42 -9.04 7.38
C GLU A 20 1.97 -8.53 7.28
N PHE A 21 1.81 -7.19 7.30
CA PHE A 21 0.52 -6.55 7.19
C PHE A 21 0.04 -6.52 5.76
N GLU A 22 0.96 -6.53 4.80
CA GLU A 22 0.57 -6.51 3.40
C GLU A 22 -0.23 -7.76 3.11
N ALA A 23 0.23 -8.88 3.66
CA ALA A 23 -0.39 -10.17 3.48
C ALA A 23 -1.76 -10.18 4.16
N ARG A 24 -1.82 -9.72 5.42
CA ARG A 24 -3.05 -9.65 6.18
C ARG A 24 -4.08 -8.84 5.42
N ILE A 25 -3.79 -7.57 5.17
CA ILE A 25 -4.66 -6.63 4.48
C ILE A 25 -5.08 -7.22 3.13
N ARG A 26 -4.14 -7.76 2.34
CA ARG A 26 -4.46 -8.35 1.04
C ARG A 26 -5.44 -9.49 1.18
N GLN A 27 -5.23 -10.43 2.10
CA GLN A 27 -6.12 -11.56 2.29
C GLN A 27 -7.42 -11.19 3.03
N ASN A 28 -7.43 -10.09 3.79
CA ASN A 28 -8.58 -9.59 4.55
C ASN A 28 -9.56 -8.87 3.64
N GLU A 29 -9.11 -8.35 2.50
CA GLU A 29 -9.93 -7.61 1.56
C GLU A 29 -9.73 -8.12 0.12
N ILE A 30 -9.29 -9.38 -0.04
CA ILE A 30 -9.01 -9.98 -1.35
C ILE A 30 -10.17 -9.82 -2.35
N ASN A 31 -11.42 -9.97 -1.90
CA ASN A 31 -12.58 -9.84 -2.79
C ASN A 31 -12.99 -8.39 -3.01
N ASN A 32 -12.62 -7.51 -2.07
CA ASN A 32 -12.94 -6.10 -2.10
C ASN A 32 -12.02 -5.36 -3.07
N PRO A 33 -12.59 -4.64 -4.04
CA PRO A 33 -11.83 -3.91 -5.03
C PRO A 33 -11.10 -2.74 -4.40
N LYS A 34 -11.47 -2.27 -3.20
CA LYS A 34 -10.76 -1.17 -2.56
C LYS A 34 -9.30 -1.53 -2.27
N PHE A 35 -8.97 -2.82 -2.23
CA PHE A 35 -7.62 -3.33 -1.95
C PHE A 35 -7.04 -4.13 -3.10
N ASN A 36 -7.68 -4.11 -4.28
CA ASN A 36 -7.20 -4.83 -5.45
C ASN A 36 -5.77 -4.43 -5.79
N PHE A 37 -5.39 -3.18 -5.47
CA PHE A 37 -4.10 -2.58 -5.67
C PHE A 37 -2.97 -3.43 -5.07
N LEU A 38 -3.23 -4.12 -3.95
CA LEU A 38 -2.23 -4.96 -3.28
C LEU A 38 -1.80 -6.16 -4.11
N ASN A 39 -2.61 -6.57 -5.09
CA ASN A 39 -2.30 -7.69 -5.97
C ASN A 39 -1.59 -7.14 -7.21
N PRO A 40 -0.75 -7.93 -7.88
CA PRO A 40 -0.01 -7.50 -9.07
C PRO A 40 -0.93 -7.25 -10.28
N ASN A 41 -2.20 -7.64 -10.16
CA ASN A 41 -3.22 -7.50 -11.18
C ASN A 41 -3.61 -6.04 -11.41
N ASP A 42 -3.28 -5.13 -10.48
CA ASP A 42 -3.62 -3.71 -10.59
C ASP A 42 -2.46 -2.92 -11.19
N PRO A 43 -2.75 -1.81 -11.90
CA PRO A 43 -1.76 -0.98 -12.55
C PRO A 43 -0.87 -0.19 -11.59
N TYR A 44 -1.41 0.22 -10.45
CA TYR A 44 -0.66 0.98 -9.45
C TYR A 44 0.10 0.06 -8.50
N HIS A 45 0.03 -1.26 -8.69
CA HIS A 45 0.74 -2.18 -7.83
C HIS A 45 2.21 -1.77 -7.71
N ALA A 46 2.86 -1.47 -8.83
CA ALA A 46 4.25 -1.05 -8.84
C ALA A 46 4.48 0.26 -8.06
N TYR A 47 3.52 1.18 -8.08
CA TYR A 47 3.63 2.45 -7.37
C TYR A 47 3.68 2.21 -5.85
N TYR A 48 2.80 1.37 -5.35
CA TYR A 48 2.71 1.03 -3.94
C TYR A 48 4.01 0.41 -3.44
N ARG A 49 4.63 -0.45 -4.25
CA ARG A 49 5.88 -1.13 -3.88
C ARG A 49 6.91 -0.12 -3.43
N HIS A 50 7.05 0.97 -4.19
CA HIS A 50 7.96 2.04 -3.89
C HIS A 50 7.54 2.72 -2.59
N LYS A 51 6.27 3.10 -2.44
CA LYS A 51 5.78 3.78 -1.24
C LYS A 51 6.18 3.07 0.04
N VAL A 52 6.05 1.75 0.11
CA VAL A 52 6.42 0.99 1.31
C VAL A 52 7.87 1.31 1.71
N SER A 53 8.81 1.06 0.79
CA SER A 53 10.22 1.31 1.00
C SER A 53 10.50 2.78 1.35
N GLU A 54 9.80 3.70 0.71
CA GLU A 54 9.94 5.13 0.92
C GLU A 54 9.52 5.54 2.32
N PHE A 55 8.35 5.07 2.79
CA PHE A 55 7.90 5.41 4.13
C PHE A 55 8.87 4.82 5.16
N LYS A 56 9.42 3.63 4.87
CA LYS A 56 10.38 2.98 5.77
C LYS A 56 11.64 3.82 5.89
N GLU A 57 12.10 4.38 4.76
CA GLU A 57 13.28 5.24 4.73
C GLU A 57 12.98 6.56 5.43
N GLY A 58 11.69 6.90 5.57
CA GLY A 58 11.20 8.10 6.21
C GLY A 58 11.52 9.34 5.37
N LYS A 59 11.32 9.27 4.06
CA LYS A 59 11.60 10.38 3.13
C LYS A 59 10.37 10.87 2.36
N ALA A 60 9.39 10.00 2.12
CA ALA A 60 8.21 10.36 1.37
C ALA A 60 7.40 11.46 2.05
N GLN A 61 6.51 12.04 1.26
CA GLN A 61 5.60 13.10 1.67
C GLN A 61 4.30 12.45 2.13
N GLU A 62 3.96 12.61 3.41
CA GLU A 62 2.72 12.06 3.94
C GLU A 62 1.54 12.72 3.18
N PRO A 63 0.33 12.14 3.22
CA PRO A 63 -0.83 12.67 2.52
C PRO A 63 -1.41 13.91 3.18
N SER A 64 -2.42 14.48 2.53
CA SER A 64 -3.16 15.65 2.95
C SER A 64 -4.53 15.48 2.32
N GLY A 1 -7.54 12.32 -6.76
CA GLY A 1 -8.30 11.09 -7.00
C GLY A 1 -8.49 10.32 -5.71
N GLU A 2 -8.33 8.99 -5.74
CA GLU A 2 -8.50 8.14 -4.56
C GLU A 2 -7.52 6.99 -4.53
N VAL A 3 -7.45 6.22 -5.61
CA VAL A 3 -6.55 5.06 -5.69
C VAL A 3 -5.14 5.41 -5.21
N ARG A 4 -4.53 6.50 -5.68
CA ARG A 4 -3.19 6.86 -5.19
C ARG A 4 -3.21 7.18 -3.69
N ASN A 5 -4.27 7.80 -3.21
CA ASN A 5 -4.46 8.21 -1.82
C ASN A 5 -4.45 6.99 -0.91
N ILE A 6 -5.35 6.03 -1.16
CA ILE A 6 -5.45 4.82 -0.36
C ILE A 6 -4.17 4.01 -0.45
N VAL A 7 -3.54 3.99 -1.62
CA VAL A 7 -2.30 3.28 -1.89
C VAL A 7 -1.25 3.83 -0.94
N ASP A 8 -0.93 5.12 -1.06
CA ASP A 8 0.05 5.84 -0.26
C ASP A 8 -0.19 5.65 1.23
N LYS A 9 -1.44 5.86 1.68
CA LYS A 9 -1.82 5.73 3.07
C LYS A 9 -1.64 4.31 3.56
N THR A 10 -2.09 3.31 2.80
CA THR A 10 -1.94 1.93 3.20
C THR A 10 -0.44 1.57 3.27
N ALA A 11 0.38 2.07 2.33
CA ALA A 11 1.81 1.77 2.34
C ALA A 11 2.38 2.28 3.67
N SER A 12 2.12 3.52 4.09
CA SER A 12 2.63 4.07 5.36
C SER A 12 2.57 3.05 6.50
N PHE A 13 1.39 2.46 6.76
CA PHE A 13 1.21 1.48 7.83
C PHE A 13 1.99 0.19 7.60
N VAL A 14 1.93 -0.35 6.38
CA VAL A 14 2.63 -1.58 6.00
C VAL A 14 4.15 -1.38 6.10
N ALA A 15 4.62 -0.17 5.85
CA ALA A 15 6.01 0.21 5.91
C ALA A 15 6.42 0.25 7.37
N ARG A 16 5.59 0.86 8.23
CA ARG A 16 5.93 0.95 9.65
C ARG A 16 5.98 -0.40 10.34
N ASN A 17 4.88 -1.14 10.26
CA ASN A 17 4.76 -2.45 10.91
C ASN A 17 5.62 -3.53 10.25
N GLY A 18 5.62 -3.60 8.91
CA GLY A 18 6.37 -4.56 8.13
C GLY A 18 5.49 -5.22 7.07
N PRO A 19 6.09 -5.96 6.12
CA PRO A 19 5.38 -6.62 5.03
C PRO A 19 4.42 -7.71 5.50
N GLU A 20 4.46 -8.11 6.77
CA GLU A 20 3.55 -9.11 7.31
C GLU A 20 2.10 -8.65 7.15
N PHE A 21 1.86 -7.34 7.24
CA PHE A 21 0.54 -6.73 7.10
C PHE A 21 0.08 -6.73 5.66
N GLU A 22 1.02 -6.60 4.72
CA GLU A 22 0.71 -6.56 3.31
C GLU A 22 -0.04 -7.82 2.91
N ALA A 23 0.41 -8.97 3.41
CA ALA A 23 -0.19 -10.26 3.12
C ALA A 23 -1.53 -10.44 3.84
N ARG A 24 -1.60 -10.05 5.12
CA ARG A 24 -2.82 -10.15 5.92
C ARG A 24 -3.93 -9.34 5.29
N ILE A 25 -3.71 -8.03 5.15
CA ILE A 25 -4.68 -7.10 4.58
C ILE A 25 -5.09 -7.61 3.19
N ARG A 26 -4.13 -8.03 2.35
CA ARG A 26 -4.44 -8.52 1.02
C ARG A 26 -5.41 -9.69 1.07
N GLN A 27 -5.22 -10.65 1.97
CA GLN A 27 -6.11 -11.80 2.08
C GLN A 27 -7.48 -11.38 2.62
N ASN A 28 -7.49 -10.56 3.67
CA ASN A 28 -8.70 -10.07 4.33
C ASN A 28 -9.62 -9.35 3.37
N GLU A 29 -9.08 -8.64 2.38
CA GLU A 29 -9.83 -7.88 1.40
C GLU A 29 -9.54 -8.33 -0.04
N ILE A 30 -9.27 -9.62 -0.25
CA ILE A 30 -9.00 -10.18 -1.58
C ILE A 30 -10.26 -10.14 -2.47
N ASN A 31 -11.41 -9.80 -1.88
CA ASN A 31 -12.72 -9.70 -2.51
C ASN A 31 -13.20 -8.25 -2.46
N ASN A 32 -12.28 -7.28 -2.58
CA ASN A 32 -12.64 -5.86 -2.53
C ASN A 32 -11.67 -5.01 -3.35
N PRO A 33 -12.19 -4.13 -4.21
CA PRO A 33 -11.39 -3.26 -5.05
C PRO A 33 -10.64 -2.23 -4.19
N LYS A 34 -11.15 -1.90 -3.00
CA LYS A 34 -10.53 -0.95 -2.09
C LYS A 34 -9.14 -1.40 -1.63
N PHE A 35 -8.75 -2.65 -1.90
CA PHE A 35 -7.46 -3.22 -1.52
C PHE A 35 -6.85 -4.02 -2.67
N ASN A 36 -7.40 -3.94 -3.89
CA ASN A 36 -6.87 -4.68 -5.03
C ASN A 36 -5.46 -4.24 -5.41
N PHE A 37 -5.03 -3.04 -5.02
CA PHE A 37 -3.70 -2.51 -5.33
C PHE A 37 -2.59 -3.34 -4.66
N LEU A 38 -2.93 -4.12 -3.63
CA LEU A 38 -1.98 -4.98 -2.92
C LEU A 38 -1.59 -6.16 -3.81
N ASN A 39 -2.40 -6.49 -4.81
CA ASN A 39 -2.13 -7.56 -5.75
C ASN A 39 -1.35 -7.03 -6.95
N PRO A 40 -0.56 -7.90 -7.61
CA PRO A 40 0.25 -7.52 -8.76
C PRO A 40 -0.53 -7.24 -10.03
N ASN A 41 -1.79 -7.68 -10.09
CA ASN A 41 -2.68 -7.52 -11.23
C ASN A 41 -3.14 -6.07 -11.41
N ASP A 42 -2.87 -5.19 -10.45
CA ASP A 42 -3.26 -3.79 -10.52
C ASP A 42 -2.14 -2.95 -11.12
N PRO A 43 -2.47 -1.91 -11.88
CA PRO A 43 -1.49 -1.02 -12.48
C PRO A 43 -0.85 -0.15 -11.40
N TYR A 44 -1.54 0.11 -10.29
CA TYR A 44 -1.02 0.92 -9.19
C TYR A 44 -0.11 0.11 -8.29
N HIS A 45 -0.02 -1.20 -8.46
CA HIS A 45 0.82 -2.04 -7.63
C HIS A 45 2.25 -1.50 -7.62
N ALA A 46 2.88 -1.26 -8.78
CA ALA A 46 4.25 -0.74 -8.83
C ALA A 46 4.43 0.53 -8.00
N TYR A 47 3.45 1.45 -8.04
CA TYR A 47 3.50 2.68 -7.27
C TYR A 47 3.37 2.34 -5.79
N TYR A 48 2.45 1.45 -5.43
CA TYR A 48 2.26 1.06 -4.03
C TYR A 48 3.57 0.51 -3.47
N ARG A 49 4.27 -0.30 -4.26
CA ARG A 49 5.54 -0.92 -3.89
C ARG A 49 6.57 0.17 -3.60
N HIS A 50 6.70 1.15 -4.49
CA HIS A 50 7.61 2.27 -4.32
C HIS A 50 7.36 2.92 -2.98
N LYS A 51 6.11 3.27 -2.68
CA LYS A 51 5.76 3.94 -1.44
C LYS A 51 6.14 3.10 -0.24
N VAL A 52 5.99 1.78 -0.25
CA VAL A 52 6.36 0.95 0.89
C VAL A 52 7.80 1.24 1.27
N SER A 53 8.72 0.95 0.37
CA SER A 53 10.14 1.15 0.55
C SER A 53 10.44 2.61 0.94
N GLU A 54 9.71 3.58 0.41
CA GLU A 54 9.89 4.99 0.70
C GLU A 54 9.44 5.39 2.09
N PHE A 55 8.23 5.01 2.51
CA PHE A 55 7.74 5.32 3.84
C PHE A 55 8.66 4.68 4.88
N LYS A 56 9.23 3.52 4.54
CA LYS A 56 10.15 2.78 5.42
C LYS A 56 11.40 3.60 5.63
N GLU A 57 11.91 4.24 4.58
CA GLU A 57 13.11 5.06 4.70
C GLU A 57 12.80 6.35 5.46
N GLY A 58 11.52 6.65 5.66
CA GLY A 58 11.06 7.84 6.36
C GLY A 58 11.32 9.10 5.54
N LYS A 59 11.30 9.00 4.21
CA LYS A 59 11.54 10.14 3.32
C LYS A 59 10.28 10.55 2.54
N ALA A 60 9.32 9.65 2.35
CA ALA A 60 8.08 9.88 1.64
C ALA A 60 7.25 10.97 2.32
N GLN A 61 6.53 11.72 1.49
CA GLN A 61 5.66 12.79 1.92
C GLN A 61 4.38 12.17 2.53
N GLU A 62 4.17 12.38 3.82
CA GLU A 62 3.00 11.87 4.50
C GLU A 62 1.76 12.54 3.90
N PRO A 63 0.59 11.88 4.03
CA PRO A 63 -0.69 12.34 3.51
C PRO A 63 -1.20 13.60 4.20
N SER A 64 -2.35 14.08 3.74
CA SER A 64 -2.99 15.28 4.24
C SER A 64 -4.50 15.14 4.17
N GLY A 1 -5.81 11.59 -7.05
CA GLY A 1 -6.69 10.43 -7.23
C GLY A 1 -6.85 9.59 -5.97
N GLU A 2 -8.00 8.94 -5.85
CA GLU A 2 -8.37 8.08 -4.73
C GLU A 2 -7.42 6.91 -4.60
N VAL A 3 -7.23 6.15 -5.68
CA VAL A 3 -6.35 5.00 -5.71
C VAL A 3 -4.97 5.40 -5.18
N ARG A 4 -4.40 6.52 -5.65
CA ARG A 4 -3.10 6.95 -5.14
C ARG A 4 -3.18 7.25 -3.65
N ASN A 5 -4.27 7.87 -3.18
CA ASN A 5 -4.45 8.21 -1.76
C ASN A 5 -4.43 6.95 -0.90
N ILE A 6 -5.30 5.97 -1.21
CA ILE A 6 -5.40 4.73 -0.46
C ILE A 6 -4.11 3.93 -0.54
N VAL A 7 -3.42 3.96 -1.69
CA VAL A 7 -2.18 3.27 -1.91
C VAL A 7 -1.16 3.81 -0.91
N ASP A 8 -0.91 5.11 -0.94
CA ASP A 8 0.02 5.80 -0.06
C ASP A 8 -0.33 5.57 1.42
N LYS A 9 -1.60 5.76 1.80
CA LYS A 9 -2.04 5.59 3.18
C LYS A 9 -1.84 4.16 3.65
N THR A 10 -2.24 3.18 2.84
CA THR A 10 -2.07 1.78 3.19
C THR A 10 -0.58 1.44 3.26
N ALA A 11 0.21 1.94 2.31
CA ALA A 11 1.64 1.69 2.24
C ALA A 11 2.35 2.17 3.49
N SER A 12 1.91 3.29 4.07
CA SER A 12 2.47 3.86 5.29
C SER A 12 2.44 2.79 6.38
N PHE A 13 1.26 2.31 6.75
CA PHE A 13 1.10 1.30 7.79
C PHE A 13 1.97 0.08 7.55
N VAL A 14 1.90 -0.49 6.34
CA VAL A 14 2.68 -1.67 5.99
C VAL A 14 4.18 -1.36 6.09
N ALA A 15 4.60 -0.16 5.71
CA ALA A 15 5.98 0.26 5.78
C ALA A 15 6.38 0.37 7.24
N ARG A 16 5.51 0.93 8.09
CA ARG A 16 5.74 1.14 9.50
C ARG A 16 5.90 -0.18 10.26
N ASN A 17 4.90 -1.07 10.12
CA ASN A 17 4.88 -2.35 10.82
C ASN A 17 5.74 -3.43 10.17
N GLY A 18 5.70 -3.56 8.85
CA GLY A 18 6.45 -4.54 8.09
C GLY A 18 5.59 -5.17 6.98
N PRO A 19 6.19 -5.86 6.00
CA PRO A 19 5.48 -6.49 4.90
C PRO A 19 4.53 -7.61 5.34
N GLU A 20 4.60 -8.07 6.59
CA GLU A 20 3.69 -9.10 7.08
C GLU A 20 2.24 -8.61 6.97
N PHE A 21 2.05 -7.30 7.10
CA PHE A 21 0.75 -6.67 7.00
C PHE A 21 0.28 -6.60 5.56
N GLU A 22 1.19 -6.54 4.59
CA GLU A 22 0.82 -6.48 3.19
C GLU A 22 -0.01 -7.72 2.87
N ALA A 23 0.47 -8.89 3.35
CA ALA A 23 -0.19 -10.16 3.14
C ALA A 23 -1.49 -10.23 3.94
N ARG A 24 -1.47 -9.80 5.22
CA ARG A 24 -2.64 -9.81 6.08
C ARG A 24 -3.76 -9.01 5.43
N ILE A 25 -3.52 -7.72 5.20
CA ILE A 25 -4.48 -6.79 4.62
C ILE A 25 -4.96 -7.32 3.27
N ARG A 26 -4.04 -7.71 2.38
CA ARG A 26 -4.43 -8.21 1.07
C ARG A 26 -5.40 -9.37 1.20
N GLN A 27 -5.07 -10.35 2.04
CA GLN A 27 -5.92 -11.50 2.22
C GLN A 27 -7.27 -11.13 2.84
N ASN A 28 -7.27 -10.28 3.87
CA ASN A 28 -8.49 -9.86 4.57
C ASN A 28 -9.51 -9.17 3.68
N GLU A 29 -9.07 -8.50 2.61
CA GLU A 29 -9.97 -7.77 1.71
C GLU A 29 -9.74 -8.16 0.25
N ILE A 30 -9.29 -9.39 0.01
CA ILE A 30 -9.01 -9.94 -1.32
C ILE A 30 -10.20 -9.90 -2.27
N ASN A 31 -11.42 -9.89 -1.72
CA ASN A 31 -12.68 -9.87 -2.46
C ASN A 31 -13.29 -8.46 -2.47
N ASN A 32 -12.45 -7.43 -2.41
CA ASN A 32 -12.84 -6.03 -2.40
C ASN A 32 -11.88 -5.22 -3.27
N PRO A 33 -12.40 -4.41 -4.20
CA PRO A 33 -11.57 -3.60 -5.09
C PRO A 33 -10.83 -2.50 -4.32
N LYS A 34 -11.30 -2.15 -3.11
CA LYS A 34 -10.66 -1.14 -2.26
C LYS A 34 -9.24 -1.54 -1.86
N PHE A 35 -8.81 -2.79 -2.12
CA PHE A 35 -7.48 -3.31 -1.76
C PHE A 35 -6.82 -4.05 -2.92
N ASN A 36 -7.39 -4.05 -4.13
CA ASN A 36 -6.83 -4.73 -5.30
C ASN A 36 -5.41 -4.29 -5.66
N PHE A 37 -5.01 -3.07 -5.27
CA PHE A 37 -3.69 -2.53 -5.57
C PHE A 37 -2.56 -3.33 -4.91
N LEU A 38 -2.87 -4.16 -3.92
CA LEU A 38 -1.91 -4.99 -3.22
C LEU A 38 -1.46 -6.19 -4.06
N ASN A 39 -2.21 -6.55 -5.10
CA ASN A 39 -1.90 -7.64 -6.02
C ASN A 39 -1.17 -7.11 -7.25
N PRO A 40 -0.38 -7.94 -7.94
CA PRO A 40 0.37 -7.54 -9.13
C PRO A 40 -0.52 -7.30 -10.35
N ASN A 41 -1.77 -7.76 -10.29
CA ASN A 41 -2.72 -7.60 -11.37
C ASN A 41 -3.17 -6.15 -11.48
N ASP A 42 -2.80 -5.29 -10.53
CA ASP A 42 -3.17 -3.89 -10.53
C ASP A 42 -2.07 -3.04 -11.16
N PRO A 43 -2.45 -2.01 -11.93
CA PRO A 43 -1.49 -1.12 -12.56
C PRO A 43 -0.77 -0.28 -11.50
N TYR A 44 -1.42 -0.01 -10.35
CA TYR A 44 -0.90 0.78 -9.24
C TYR A 44 0.01 -0.03 -8.32
N HIS A 45 0.10 -1.34 -8.52
CA HIS A 45 0.92 -2.19 -7.69
C HIS A 45 2.35 -1.66 -7.59
N ALA A 46 3.03 -1.40 -8.71
CA ALA A 46 4.41 -0.90 -8.69
C ALA A 46 4.56 0.39 -7.90
N TYR A 47 3.58 1.30 -7.96
CA TYR A 47 3.60 2.55 -7.23
C TYR A 47 3.44 2.24 -5.75
N TYR A 48 2.51 1.35 -5.38
CA TYR A 48 2.30 0.96 -3.99
C TYR A 48 3.61 0.38 -3.44
N ARG A 49 4.25 -0.50 -4.21
CA ARG A 49 5.50 -1.13 -3.82
C ARG A 49 6.51 -0.02 -3.49
N HIS A 50 6.58 0.99 -4.36
CA HIS A 50 7.48 2.13 -4.17
C HIS A 50 7.09 2.87 -2.90
N LYS A 51 5.81 3.17 -2.66
CA LYS A 51 5.37 3.87 -1.45
C LYS A 51 5.85 3.15 -0.20
N VAL A 52 5.74 1.82 -0.12
CA VAL A 52 6.21 1.07 1.05
C VAL A 52 7.69 1.39 1.29
N SER A 53 8.52 1.17 0.26
CA SER A 53 9.95 1.42 0.27
C SER A 53 10.26 2.92 0.44
N GLU A 54 9.29 3.82 0.36
CA GLU A 54 9.45 5.26 0.53
C GLU A 54 9.24 5.64 2.00
N PHE A 55 8.08 5.24 2.53
CA PHE A 55 7.70 5.51 3.92
C PHE A 55 8.70 4.83 4.86
N LYS A 56 9.23 3.68 4.46
CA LYS A 56 10.18 2.94 5.29
C LYS A 56 11.45 3.70 5.57
N GLU A 57 11.98 4.32 4.53
CA GLU A 57 13.20 5.10 4.60
C GLU A 57 12.93 6.40 5.35
N GLY A 58 11.65 6.81 5.42
CA GLY A 58 11.22 8.02 6.12
C GLY A 58 11.34 9.26 5.25
N LYS A 59 11.23 9.13 3.93
CA LYS A 59 11.32 10.24 2.98
C LYS A 59 10.00 10.54 2.29
N ALA A 60 9.02 9.64 2.38
CA ALA A 60 7.74 9.85 1.75
C ALA A 60 7.04 11.04 2.38
N GLN A 61 6.15 11.66 1.62
CA GLN A 61 5.39 12.81 2.05
C GLN A 61 3.98 12.31 2.36
N GLU A 62 3.77 11.94 3.61
CA GLU A 62 2.50 11.42 4.10
C GLU A 62 1.46 12.54 4.21
N PRO A 63 0.16 12.25 4.07
CA PRO A 63 -0.91 13.24 4.17
C PRO A 63 -1.16 13.60 5.64
N SER A 64 -2.10 14.51 5.89
CA SER A 64 -2.47 14.95 7.23
C SER A 64 -3.90 15.41 7.14
N GLY A 1 -9.02 12.19 -6.88
CA GLY A 1 -8.09 11.08 -6.68
C GLY A 1 -8.49 10.23 -5.49
N GLU A 2 -8.29 8.92 -5.55
CA GLU A 2 -8.64 8.00 -4.45
C GLU A 2 -7.62 6.88 -4.36
N VAL A 3 -7.44 6.11 -5.42
CA VAL A 3 -6.50 5.00 -5.44
C VAL A 3 -5.12 5.43 -4.92
N ARG A 4 -4.59 6.58 -5.32
CA ARG A 4 -3.29 7.03 -4.83
C ARG A 4 -3.33 7.31 -3.32
N ASN A 5 -4.43 7.83 -2.79
CA ASN A 5 -4.55 8.13 -1.37
C ASN A 5 -4.45 6.86 -0.55
N ILE A 6 -5.30 5.89 -0.88
CA ILE A 6 -5.32 4.63 -0.17
C ILE A 6 -4.01 3.87 -0.31
N VAL A 7 -3.38 3.93 -1.49
CA VAL A 7 -2.15 3.26 -1.78
C VAL A 7 -1.10 3.83 -0.83
N ASP A 8 -0.85 5.12 -0.90
CA ASP A 8 0.13 5.83 -0.07
C ASP A 8 -0.08 5.52 1.41
N LYS A 9 -1.30 5.68 1.92
CA LYS A 9 -1.64 5.44 3.32
C LYS A 9 -1.41 3.99 3.70
N THR A 10 -1.89 3.04 2.89
CA THR A 10 -1.68 1.64 3.20
C THR A 10 -0.18 1.33 3.22
N ALA A 11 0.61 1.89 2.29
CA ALA A 11 2.05 1.60 2.25
C ALA A 11 2.69 2.07 3.55
N SER A 12 2.32 3.25 4.05
CA SER A 12 2.83 3.84 5.28
C SER A 12 2.67 2.86 6.45
N PHE A 13 1.45 2.36 6.70
CA PHE A 13 1.22 1.45 7.81
C PHE A 13 1.99 0.14 7.63
N VAL A 14 2.01 -0.41 6.41
CA VAL A 14 2.71 -1.64 6.11
C VAL A 14 4.22 -1.41 6.30
N ALA A 15 4.73 -0.21 6.02
CA ALA A 15 6.12 0.16 6.15
C ALA A 15 6.45 0.22 7.63
N ARG A 16 5.55 0.76 8.45
CA ARG A 16 5.79 0.87 9.88
C ARG A 16 5.73 -0.47 10.61
N ASN A 17 4.65 -1.20 10.43
CA ASN A 17 4.43 -2.47 11.08
C ASN A 17 5.27 -3.59 10.50
N GLY A 18 5.34 -3.68 9.16
CA GLY A 18 6.08 -4.70 8.46
C GLY A 18 5.23 -5.30 7.33
N PRO A 19 5.85 -6.07 6.42
CA PRO A 19 5.17 -6.70 5.29
C PRO A 19 4.11 -7.72 5.67
N GLU A 20 4.01 -8.11 6.94
CA GLU A 20 2.98 -9.06 7.38
C GLU A 20 1.60 -8.50 7.07
N PHE A 21 1.43 -7.19 7.24
CA PHE A 21 0.19 -6.52 6.98
C PHE A 21 -0.10 -6.53 5.50
N GLU A 22 0.93 -6.49 4.67
CA GLU A 22 0.77 -6.48 3.23
C GLU A 22 0.06 -7.76 2.81
N ALA A 23 0.42 -8.90 3.43
CA ALA A 23 -0.19 -10.18 3.11
C ALA A 23 -1.56 -10.31 3.78
N ARG A 24 -1.66 -9.95 5.06
CA ARG A 24 -2.92 -10.04 5.82
C ARG A 24 -4.01 -9.22 5.18
N ILE A 25 -3.78 -7.92 5.00
CA ILE A 25 -4.76 -7.03 4.41
C ILE A 25 -5.17 -7.57 3.03
N ARG A 26 -4.19 -7.95 2.19
CA ARG A 26 -4.46 -8.47 0.86
C ARG A 26 -5.41 -9.65 0.93
N GLN A 27 -5.13 -10.60 1.83
CA GLN A 27 -5.95 -11.78 1.99
C GLN A 27 -7.33 -11.49 2.56
N ASN A 28 -7.39 -10.63 3.58
CA ASN A 28 -8.63 -10.28 4.27
C ASN A 28 -9.65 -9.62 3.35
N GLU A 29 -9.20 -8.75 2.45
CA GLU A 29 -10.07 -8.01 1.52
C GLU A 29 -9.85 -8.42 0.07
N ILE A 30 -9.42 -9.66 -0.16
CA ILE A 30 -9.17 -10.23 -1.49
C ILE A 30 -10.39 -10.19 -2.42
N ASN A 31 -11.58 -9.89 -1.88
CA ASN A 31 -12.83 -9.82 -2.60
C ASN A 31 -13.38 -8.39 -2.68
N ASN A 32 -12.56 -7.36 -2.41
CA ASN A 32 -12.98 -5.96 -2.47
C ASN A 32 -11.93 -5.15 -3.22
N PRO A 33 -12.36 -4.20 -4.08
CA PRO A 33 -11.47 -3.35 -4.86
C PRO A 33 -10.73 -2.36 -3.99
N LYS A 34 -11.22 -2.03 -2.79
CA LYS A 34 -10.58 -1.09 -1.88
C LYS A 34 -9.16 -1.53 -1.47
N PHE A 35 -8.77 -2.76 -1.77
CA PHE A 35 -7.47 -3.33 -1.45
C PHE A 35 -6.83 -4.04 -2.66
N ASN A 36 -7.44 -3.94 -3.84
CA ASN A 36 -6.96 -4.58 -5.06
C ASN A 36 -5.53 -4.21 -5.45
N PHE A 37 -5.06 -3.04 -5.02
CA PHE A 37 -3.72 -2.56 -5.34
C PHE A 37 -2.64 -3.41 -4.67
N LEU A 38 -2.99 -4.26 -3.70
CA LEU A 38 -2.04 -5.13 -3.03
C LEU A 38 -1.66 -6.33 -3.91
N ASN A 39 -2.47 -6.65 -4.92
CA ASN A 39 -2.22 -7.74 -5.85
C ASN A 39 -1.44 -7.19 -7.04
N PRO A 40 -0.62 -8.00 -7.71
CA PRO A 40 0.18 -7.56 -8.84
C PRO A 40 -0.66 -7.30 -10.10
N ASN A 41 -1.91 -7.76 -10.10
CA ASN A 41 -2.81 -7.60 -11.24
C ASN A 41 -3.37 -6.18 -11.34
N ASP A 42 -3.01 -5.30 -10.40
CA ASP A 42 -3.45 -3.92 -10.42
C ASP A 42 -2.28 -3.10 -10.97
N PRO A 43 -2.56 -2.07 -11.76
CA PRO A 43 -1.53 -1.25 -12.37
C PRO A 43 -0.79 -0.42 -11.31
N TYR A 44 -1.52 0.04 -10.30
CA TYR A 44 -0.98 0.87 -9.23
C TYR A 44 -0.15 0.08 -8.24
N HIS A 45 -0.13 -1.25 -8.33
CA HIS A 45 0.64 -2.07 -7.43
C HIS A 45 2.12 -1.70 -7.53
N ALA A 46 2.64 -1.58 -8.75
CA ALA A 46 4.05 -1.23 -8.96
C ALA A 46 4.41 0.12 -8.33
N TYR A 47 3.44 1.04 -8.21
CA TYR A 47 3.61 2.35 -7.60
C TYR A 47 3.53 2.17 -6.08
N TYR A 48 2.60 1.35 -5.58
CA TYR A 48 2.43 1.07 -4.16
C TYR A 48 3.75 0.54 -3.59
N ARG A 49 4.42 -0.35 -4.33
CA ARG A 49 5.71 -0.95 -3.93
C ARG A 49 6.75 0.14 -3.63
N HIS A 50 6.84 1.17 -4.48
CA HIS A 50 7.77 2.28 -4.29
C HIS A 50 7.48 2.98 -2.97
N LYS A 51 6.22 3.34 -2.74
CA LYS A 51 5.83 4.02 -1.52
C LYS A 51 6.27 3.24 -0.30
N VAL A 52 6.08 1.93 -0.23
CA VAL A 52 6.49 1.13 0.93
C VAL A 52 7.94 1.41 1.29
N SER A 53 8.84 1.23 0.32
CA SER A 53 10.26 1.43 0.50
C SER A 53 10.53 2.85 1.04
N GLU A 54 9.90 3.84 0.41
CA GLU A 54 10.05 5.25 0.76
C GLU A 54 9.54 5.59 2.15
N PHE A 55 8.35 5.12 2.51
CA PHE A 55 7.81 5.40 3.83
C PHE A 55 8.70 4.70 4.87
N LYS A 56 9.29 3.55 4.52
CA LYS A 56 10.19 2.79 5.40
C LYS A 56 11.44 3.60 5.68
N GLU A 57 11.98 4.24 4.64
CA GLU A 57 13.16 5.09 4.75
C GLU A 57 12.83 6.38 5.49
N GLY A 58 11.53 6.68 5.62
CA GLY A 58 11.01 7.85 6.29
C GLY A 58 11.37 9.13 5.54
N LYS A 59 11.62 9.05 4.23
CA LYS A 59 11.99 10.22 3.44
C LYS A 59 10.82 10.79 2.64
N ALA A 60 9.86 9.94 2.24
CA ALA A 60 8.73 10.41 1.46
C ALA A 60 7.83 11.32 2.27
N GLN A 61 7.08 12.14 1.56
CA GLN A 61 6.15 13.05 2.18
C GLN A 61 4.90 12.25 2.53
N GLU A 62 4.47 12.43 3.77
CA GLU A 62 3.28 11.81 4.31
C GLU A 62 2.07 12.40 3.56
N PRO A 63 0.93 11.69 3.55
CA PRO A 63 -0.27 12.15 2.86
C PRO A 63 -0.92 13.32 3.62
N SER A 64 -1.99 13.84 3.03
CA SER A 64 -2.79 14.95 3.54
C SER A 64 -4.18 14.72 2.98
N GLY A 1 -7.34 11.89 -6.55
CA GLY A 1 -8.37 10.88 -6.77
C GLY A 1 -8.75 10.15 -5.50
N GLU A 2 -8.20 8.96 -5.28
CA GLU A 2 -8.46 8.09 -4.13
C GLU A 2 -7.44 6.98 -4.10
N VAL A 3 -7.29 6.26 -5.22
CA VAL A 3 -6.36 5.15 -5.36
C VAL A 3 -4.98 5.53 -4.82
N ARG A 4 -4.42 6.68 -5.21
CA ARG A 4 -3.11 7.07 -4.71
C ARG A 4 -3.12 7.30 -3.20
N ASN A 5 -4.21 7.84 -2.63
CA ASN A 5 -4.30 8.09 -1.19
C ASN A 5 -4.32 6.77 -0.44
N ILE A 6 -5.22 5.86 -0.79
CA ILE A 6 -5.27 4.57 -0.10
C ILE A 6 -3.96 3.83 -0.28
N VAL A 7 -3.31 3.93 -1.45
CA VAL A 7 -2.06 3.27 -1.73
C VAL A 7 -1.03 3.79 -0.75
N ASP A 8 -0.76 5.09 -0.76
CA ASP A 8 0.20 5.77 0.10
C ASP A 8 0.02 5.37 1.57
N LYS A 9 -1.19 5.53 2.08
CA LYS A 9 -1.53 5.23 3.47
C LYS A 9 -1.38 3.75 3.78
N THR A 10 -1.86 2.88 2.90
CA THR A 10 -1.69 1.45 3.17
C THR A 10 -0.20 1.14 3.23
N ALA A 11 0.62 1.74 2.34
CA ALA A 11 2.05 1.49 2.36
C ALA A 11 2.64 2.01 3.66
N SER A 12 2.24 3.17 4.15
CA SER A 12 2.72 3.76 5.39
C SER A 12 2.56 2.74 6.53
N PHE A 13 1.36 2.19 6.72
CA PHE A 13 1.13 1.22 7.80
C PHE A 13 1.96 -0.05 7.63
N VAL A 14 1.98 -0.60 6.41
CA VAL A 14 2.73 -1.81 6.08
C VAL A 14 4.22 -1.54 6.25
N ALA A 15 4.68 -0.32 6.01
CA ALA A 15 6.06 0.09 6.16
C ALA A 15 6.39 0.09 7.65
N ARG A 16 5.48 0.63 8.48
CA ARG A 16 5.71 0.68 9.92
C ARG A 16 5.72 -0.69 10.58
N ASN A 17 4.68 -1.48 10.31
CA ASN A 17 4.54 -2.81 10.91
C ASN A 17 5.42 -3.86 10.27
N GLY A 18 5.51 -3.89 8.94
CA GLY A 18 6.31 -4.84 8.18
C GLY A 18 5.51 -5.43 7.01
N PRO A 19 6.17 -6.14 6.07
CA PRO A 19 5.52 -6.73 4.90
C PRO A 19 4.47 -7.78 5.27
N GLU A 20 4.43 -8.26 6.51
CA GLU A 20 3.44 -9.23 6.93
C GLU A 20 2.04 -8.63 6.77
N PHE A 21 1.92 -7.31 7.00
CA PHE A 21 0.66 -6.60 6.90
C PHE A 21 0.22 -6.49 5.46
N GLU A 22 1.17 -6.48 4.52
CA GLU A 22 0.84 -6.39 3.12
C GLU A 22 0.02 -7.62 2.75
N ALA A 23 0.49 -8.79 3.19
CA ALA A 23 -0.16 -10.05 2.90
C ALA A 23 -1.44 -10.22 3.71
N ARG A 24 -1.44 -9.76 4.97
CA ARG A 24 -2.59 -9.84 5.85
C ARG A 24 -3.74 -9.05 5.25
N ILE A 25 -3.52 -7.75 5.06
CA ILE A 25 -4.52 -6.83 4.53
C ILE A 25 -5.01 -7.36 3.18
N ARG A 26 -4.09 -7.76 2.30
CA ARG A 26 -4.44 -8.28 0.98
C ARG A 26 -5.40 -9.44 1.10
N GLN A 27 -5.10 -10.45 1.92
CA GLN A 27 -5.97 -11.60 2.07
C GLN A 27 -7.27 -11.33 2.81
N ASN A 28 -7.26 -10.40 3.77
CA ASN A 28 -8.44 -10.07 4.56
C ASN A 28 -9.52 -9.34 3.77
N GLU A 29 -9.10 -8.53 2.80
CA GLU A 29 -9.96 -7.70 1.97
C GLU A 29 -9.94 -8.10 0.48
N ILE A 30 -9.39 -9.27 0.13
CA ILE A 30 -9.27 -9.77 -1.24
C ILE A 30 -10.61 -9.82 -2.01
N ASN A 31 -11.70 -9.92 -1.27
CA ASN A 31 -13.05 -9.99 -1.79
C ASN A 31 -13.58 -8.64 -2.26
N ASN A 32 -12.86 -7.54 -2.00
CA ASN A 32 -13.22 -6.18 -2.38
C ASN A 32 -12.14 -5.58 -3.28
N PRO A 33 -12.53 -4.76 -4.26
CA PRO A 33 -11.61 -4.15 -5.22
C PRO A 33 -10.78 -2.99 -4.66
N LYS A 34 -11.23 -2.34 -3.58
CA LYS A 34 -10.55 -1.22 -2.94
C LYS A 34 -9.10 -1.53 -2.60
N PHE A 35 -8.84 -2.78 -2.23
CA PHE A 35 -7.54 -3.29 -1.81
C PHE A 35 -6.79 -4.02 -2.93
N ASN A 36 -7.34 -4.12 -4.15
CA ASN A 36 -6.68 -4.82 -5.26
C ASN A 36 -5.30 -4.26 -5.60
N PHE A 37 -4.98 -3.02 -5.21
CA PHE A 37 -3.66 -2.45 -5.50
C PHE A 37 -2.54 -3.26 -4.82
N LEU A 38 -2.89 -4.03 -3.77
CA LEU A 38 -1.94 -4.87 -3.05
C LEU A 38 -1.57 -6.07 -3.92
N ASN A 39 -2.46 -6.51 -4.82
CA ASN A 39 -2.20 -7.62 -5.72
C ASN A 39 -1.41 -7.08 -6.92
N PRO A 40 -0.67 -7.95 -7.62
CA PRO A 40 0.14 -7.57 -8.77
C PRO A 40 -0.67 -7.25 -10.01
N ASN A 41 -1.93 -7.69 -10.06
CA ASN A 41 -2.82 -7.49 -11.20
C ASN A 41 -3.19 -6.03 -11.39
N ASP A 42 -3.13 -5.21 -10.34
CA ASP A 42 -3.46 -3.80 -10.45
C ASP A 42 -2.30 -3.03 -11.10
N PRO A 43 -2.60 -1.97 -11.85
CA PRO A 43 -1.59 -1.16 -12.52
C PRO A 43 -0.80 -0.32 -11.52
N TYR A 44 -1.46 0.13 -10.45
CA TYR A 44 -0.92 0.96 -9.39
C TYR A 44 -0.04 0.19 -8.40
N HIS A 45 0.01 -1.14 -8.52
CA HIS A 45 0.80 -1.97 -7.64
C HIS A 45 2.27 -1.54 -7.65
N ALA A 46 2.86 -1.34 -8.83
CA ALA A 46 4.26 -0.94 -8.95
C ALA A 46 4.56 0.36 -8.19
N TYR A 47 3.61 1.30 -8.14
CA TYR A 47 3.75 2.56 -7.42
C TYR A 47 3.59 2.29 -5.91
N TYR A 48 2.66 1.41 -5.52
CA TYR A 48 2.46 1.06 -4.13
C TYR A 48 3.77 0.52 -3.53
N ARG A 49 4.47 -0.34 -4.29
CA ARG A 49 5.73 -0.93 -3.88
C ARG A 49 6.77 0.13 -3.54
N HIS A 50 6.84 1.21 -4.30
CA HIS A 50 7.78 2.31 -4.07
C HIS A 50 7.49 2.94 -2.72
N LYS A 51 6.25 3.33 -2.49
CA LYS A 51 5.83 3.98 -1.26
C LYS A 51 6.22 3.19 -0.03
N VAL A 52 6.07 1.87 0.00
CA VAL A 52 6.44 1.05 1.16
C VAL A 52 7.89 1.37 1.56
N SER A 53 8.79 1.11 0.64
CA SER A 53 10.21 1.32 0.77
C SER A 53 10.52 2.76 1.20
N GLU A 54 9.81 3.73 0.64
CA GLU A 54 9.96 5.14 0.93
C GLU A 54 9.53 5.50 2.34
N PHE A 55 8.34 5.04 2.78
CA PHE A 55 7.86 5.31 4.12
C PHE A 55 8.77 4.68 5.16
N LYS A 56 9.36 3.54 4.82
CA LYS A 56 10.27 2.82 5.71
C LYS A 56 11.52 3.68 5.90
N GLU A 57 12.00 4.30 4.83
CA GLU A 57 13.16 5.16 4.90
C GLU A 57 12.81 6.47 5.62
N GLY A 58 11.51 6.78 5.72
CA GLY A 58 10.98 7.97 6.36
C GLY A 58 11.37 9.23 5.58
N LYS A 59 11.50 9.13 4.25
CA LYS A 59 11.88 10.26 3.40
C LYS A 59 10.72 10.83 2.58
N ALA A 60 9.70 10.01 2.30
CA ALA A 60 8.57 10.44 1.51
C ALA A 60 7.75 11.49 2.26
N GLN A 61 6.94 12.17 1.44
CA GLN A 61 6.04 13.24 1.78
C GLN A 61 4.62 12.67 1.81
N GLU A 62 4.10 12.42 3.01
CA GLU A 62 2.75 11.89 3.23
C GLU A 62 1.67 12.91 2.80
N PRO A 63 0.44 12.47 2.49
CA PRO A 63 -0.69 13.31 2.08
C PRO A 63 -1.34 13.99 3.29
N SER A 64 -2.46 14.64 2.99
CA SER A 64 -3.38 15.36 3.84
C SER A 64 -4.74 15.08 3.22
N GLY A 1 -7.92 11.98 -7.14
CA GLY A 1 -8.16 10.54 -7.33
C GLY A 1 -8.53 9.85 -6.03
N GLU A 2 -8.22 8.56 -5.93
CA GLU A 2 -8.48 7.71 -4.76
C GLU A 2 -7.49 6.57 -4.68
N VAL A 3 -7.38 5.74 -5.71
CA VAL A 3 -6.47 4.58 -5.75
C VAL A 3 -5.08 4.96 -5.24
N ARG A 4 -4.50 6.04 -5.75
CA ARG A 4 -3.19 6.50 -5.31
C ARG A 4 -3.18 6.98 -3.86
N ASN A 5 -4.27 7.61 -3.43
CA ASN A 5 -4.43 8.14 -2.09
C ASN A 5 -4.39 6.99 -1.08
N ILE A 6 -5.23 5.97 -1.29
CA ILE A 6 -5.31 4.80 -0.43
C ILE A 6 -4.02 3.99 -0.51
N VAL A 7 -3.36 3.93 -1.69
CA VAL A 7 -2.14 3.18 -1.89
C VAL A 7 -1.13 3.77 -0.92
N ASP A 8 -0.86 5.07 -1.00
CA ASP A 8 0.08 5.79 -0.15
C ASP A 8 -0.21 5.53 1.33
N LYS A 9 -1.45 5.74 1.77
CA LYS A 9 -1.86 5.54 3.16
C LYS A 9 -1.69 4.09 3.61
N THR A 10 -2.02 3.15 2.74
CA THR A 10 -1.85 1.74 3.08
C THR A 10 -0.35 1.41 3.18
N ALA A 11 0.51 2.02 2.35
CA ALA A 11 1.94 1.74 2.42
C ALA A 11 2.45 2.26 3.74
N SER A 12 2.07 3.46 4.15
CA SER A 12 2.46 4.06 5.41
C SER A 12 2.35 3.03 6.54
N PHE A 13 1.17 2.42 6.75
CA PHE A 13 1.00 1.46 7.83
C PHE A 13 1.82 0.18 7.65
N VAL A 14 1.85 -0.39 6.45
CA VAL A 14 2.59 -1.62 6.14
C VAL A 14 4.10 -1.37 6.33
N ALA A 15 4.58 -0.15 6.08
CA ALA A 15 5.96 0.26 6.23
C ALA A 15 6.28 0.36 7.73
N ARG A 16 5.32 0.87 8.51
CA ARG A 16 5.50 1.01 9.95
C ARG A 16 5.50 -0.32 10.69
N ASN A 17 4.54 -1.18 10.37
CA ASN A 17 4.40 -2.48 11.03
C ASN A 17 5.33 -3.56 10.44
N GLY A 18 5.41 -3.64 9.11
CA GLY A 18 6.22 -4.60 8.39
C GLY A 18 5.45 -5.16 7.17
N PRO A 19 6.14 -5.80 6.23
CA PRO A 19 5.55 -6.37 5.02
C PRO A 19 4.55 -7.49 5.28
N GLU A 20 4.48 -8.02 6.50
CA GLU A 20 3.53 -9.06 6.82
C GLU A 20 2.10 -8.52 6.69
N PHE A 21 1.90 -7.23 7.02
CA PHE A 21 0.61 -6.57 6.92
C PHE A 21 0.21 -6.44 5.45
N GLU A 22 1.17 -6.36 4.54
CA GLU A 22 0.88 -6.23 3.13
C GLU A 22 0.09 -7.46 2.68
N ALA A 23 0.49 -8.64 3.15
CA ALA A 23 -0.15 -9.89 2.81
C ALA A 23 -1.46 -10.07 3.57
N ARG A 24 -1.48 -9.75 4.87
CA ARG A 24 -2.67 -9.88 5.69
C ARG A 24 -3.79 -9.05 5.12
N ILE A 25 -3.60 -7.73 5.06
CA ILE A 25 -4.61 -6.79 4.57
C ILE A 25 -5.10 -7.24 3.19
N ARG A 26 -4.17 -7.57 2.29
CA ARG A 26 -4.49 -7.99 0.93
C ARG A 26 -5.42 -9.18 0.91
N GLN A 27 -5.10 -10.23 1.68
CA GLN A 27 -5.94 -11.42 1.69
C GLN A 27 -7.25 -11.17 2.41
N ASN A 28 -7.24 -10.41 3.50
CA ASN A 28 -8.42 -10.11 4.30
C ASN A 28 -9.48 -9.39 3.48
N GLU A 29 -9.08 -8.33 2.78
CA GLU A 29 -9.94 -7.47 1.97
C GLU A 29 -9.96 -7.88 0.49
N ILE A 30 -9.48 -9.08 0.14
CA ILE A 30 -9.41 -9.59 -1.24
C ILE A 30 -10.76 -9.60 -1.98
N ASN A 31 -11.86 -9.62 -1.23
CA ASN A 31 -13.21 -9.64 -1.77
C ASN A 31 -13.72 -8.21 -2.08
N ASN A 32 -12.88 -7.17 -1.92
CA ASN A 32 -13.23 -5.79 -2.20
C ASN A 32 -12.19 -5.17 -3.11
N PRO A 33 -12.61 -4.31 -4.06
CA PRO A 33 -11.72 -3.66 -5.03
C PRO A 33 -10.86 -2.58 -4.40
N LYS A 34 -11.25 -2.06 -3.24
CA LYS A 34 -10.53 -1.01 -2.53
C LYS A 34 -9.09 -1.38 -2.27
N PHE A 35 -8.78 -2.66 -2.04
CA PHE A 35 -7.45 -3.16 -1.72
C PHE A 35 -6.78 -3.92 -2.86
N ASN A 36 -7.42 -3.98 -4.04
CA ASN A 36 -6.89 -4.70 -5.18
C ASN A 36 -5.46 -4.26 -5.53
N PHE A 37 -5.09 -3.01 -5.22
CA PHE A 37 -3.76 -2.45 -5.48
C PHE A 37 -2.64 -3.25 -4.80
N LEU A 38 -2.93 -3.96 -3.72
CA LEU A 38 -1.95 -4.76 -3.00
C LEU A 38 -1.54 -6.00 -3.79
N ASN A 39 -2.34 -6.40 -4.77
CA ASN A 39 -2.08 -7.57 -5.62
C ASN A 39 -1.46 -7.12 -6.93
N PRO A 40 -0.66 -8.00 -7.57
CA PRO A 40 -0.01 -7.70 -8.85
C PRO A 40 -1.03 -7.51 -9.99
N ASN A 41 -2.30 -7.89 -9.78
CA ASN A 41 -3.35 -7.76 -10.78
C ASN A 41 -3.68 -6.29 -11.05
N ASP A 42 -3.33 -5.36 -10.16
CA ASP A 42 -3.60 -3.94 -10.36
C ASP A 42 -2.39 -3.28 -11.02
N PRO A 43 -2.60 -2.18 -11.77
CA PRO A 43 -1.56 -1.46 -12.47
C PRO A 43 -0.66 -0.67 -11.51
N TYR A 44 -1.27 -0.08 -10.49
CA TYR A 44 -0.63 0.74 -9.46
C TYR A 44 0.19 -0.04 -8.44
N HIS A 45 0.16 -1.37 -8.52
CA HIS A 45 0.89 -2.21 -7.59
C HIS A 45 2.37 -1.83 -7.55
N ALA A 46 3.01 -1.62 -8.71
CA ALA A 46 4.42 -1.27 -8.78
C ALA A 46 4.75 0.02 -8.02
N TYR A 47 3.82 0.99 -8.01
CA TYR A 47 3.93 2.26 -7.32
C TYR A 47 3.73 1.99 -5.82
N TYR A 48 2.76 1.14 -5.45
CA TYR A 48 2.53 0.79 -4.05
C TYR A 48 3.82 0.22 -3.46
N ARG A 49 4.49 -0.68 -4.21
CA ARG A 49 5.75 -1.29 -3.79
C ARG A 49 6.77 -0.19 -3.49
N HIS A 50 6.88 0.84 -4.33
CA HIS A 50 7.79 1.95 -4.10
C HIS A 50 7.46 2.63 -2.78
N LYS A 51 6.19 3.03 -2.59
CA LYS A 51 5.77 3.72 -1.38
C LYS A 51 6.12 2.96 -0.13
N VAL A 52 6.01 1.64 -0.10
CA VAL A 52 6.35 0.87 1.10
C VAL A 52 7.78 1.22 1.51
N SER A 53 8.74 0.95 0.62
CA SER A 53 10.13 1.22 0.87
C SER A 53 10.33 2.72 1.16
N GLU A 54 9.54 3.62 0.57
CA GLU A 54 9.61 5.07 0.77
C GLU A 54 9.20 5.46 2.19
N PHE A 55 8.05 4.97 2.67
CA PHE A 55 7.57 5.25 3.99
C PHE A 55 8.52 4.63 5.02
N LYS A 56 9.17 3.54 4.64
CA LYS A 56 10.13 2.85 5.51
C LYS A 56 11.39 3.67 5.64
N GLU A 57 11.84 4.30 4.56
CA GLU A 57 13.04 5.13 4.60
C GLU A 57 12.79 6.35 5.49
N GLY A 58 11.52 6.67 5.72
CA GLY A 58 11.10 7.81 6.51
C GLY A 58 11.35 9.06 5.69
N LYS A 59 10.98 9.02 4.40
CA LYS A 59 11.17 10.16 3.51
C LYS A 59 9.94 10.53 2.70
N ALA A 60 8.97 9.62 2.56
CA ALA A 60 7.80 9.89 1.78
C ALA A 60 6.98 11.05 2.35
N GLN A 61 6.06 11.56 1.54
CA GLN A 61 5.19 12.65 1.93
C GLN A 61 3.91 12.09 2.53
N GLU A 62 3.92 11.89 3.84
CA GLU A 62 2.75 11.39 4.53
C GLU A 62 1.64 12.44 4.38
N PRO A 63 0.39 12.00 4.13
CA PRO A 63 -0.73 12.92 3.97
C PRO A 63 -1.12 13.51 5.33
N SER A 64 -2.12 14.38 5.30
CA SER A 64 -2.66 15.04 6.46
C SER A 64 -4.15 15.12 6.28
N GLY A 1 -8.58 10.07 -8.25
CA GLY A 1 -8.17 10.71 -7.00
C GLY A 1 -8.68 9.96 -5.79
N GLU A 2 -8.16 8.75 -5.55
CA GLU A 2 -8.49 7.89 -4.42
C GLU A 2 -7.56 6.71 -4.43
N VAL A 3 -7.43 6.03 -5.58
CA VAL A 3 -6.55 4.87 -5.70
C VAL A 3 -5.15 5.24 -5.19
N ARG A 4 -4.58 6.39 -5.58
CA ARG A 4 -3.25 6.73 -5.07
C ARG A 4 -3.30 7.03 -3.58
N ASN A 5 -4.36 7.66 -3.07
CA ASN A 5 -4.51 7.98 -1.65
C ASN A 5 -4.49 6.71 -0.83
N ILE A 6 -5.38 5.76 -1.13
CA ILE A 6 -5.46 4.51 -0.41
C ILE A 6 -4.14 3.75 -0.54
N VAL A 7 -3.50 3.78 -1.70
CA VAL A 7 -2.24 3.12 -1.96
C VAL A 7 -1.22 3.69 -0.99
N ASP A 8 -0.92 4.98 -1.10
CA ASP A 8 0.03 5.73 -0.30
C ASP A 8 -0.19 5.50 1.19
N LYS A 9 -1.42 5.70 1.65
CA LYS A 9 -1.78 5.55 3.05
C LYS A 9 -1.60 4.11 3.49
N THR A 10 -2.09 3.13 2.73
CA THR A 10 -1.91 1.75 3.09
C THR A 10 -0.40 1.42 3.20
N ALA A 11 0.43 1.93 2.28
CA ALA A 11 1.87 1.67 2.31
C ALA A 11 2.47 2.20 3.60
N SER A 12 2.08 3.40 4.05
CA SER A 12 2.55 4.04 5.27
C SER A 12 2.51 3.04 6.43
N PHE A 13 1.36 2.42 6.66
CA PHE A 13 1.20 1.47 7.75
C PHE A 13 2.02 0.20 7.57
N VAL A 14 1.96 -0.40 6.37
CA VAL A 14 2.69 -1.62 6.05
C VAL A 14 4.19 -1.37 6.16
N ALA A 15 4.65 -0.15 5.89
CA ALA A 15 6.03 0.25 5.97
C ALA A 15 6.46 0.29 7.43
N ARG A 16 5.59 0.76 8.33
CA ARG A 16 5.96 0.83 9.74
C ARG A 16 5.89 -0.50 10.46
N ASN A 17 4.76 -1.18 10.31
CA ASN A 17 4.48 -2.46 10.96
C ASN A 17 5.28 -3.60 10.32
N GLY A 18 5.48 -3.57 9.00
CA GLY A 18 6.23 -4.56 8.25
C GLY A 18 5.41 -5.20 7.12
N PRO A 19 6.08 -5.91 6.18
CA PRO A 19 5.45 -6.57 5.04
C PRO A 19 4.40 -7.61 5.44
N GLU A 20 4.38 -8.10 6.68
CA GLU A 20 3.36 -9.06 7.09
C GLU A 20 1.97 -8.45 6.93
N PHE A 21 1.84 -7.13 7.15
CA PHE A 21 0.57 -6.45 7.02
C PHE A 21 0.14 -6.38 5.58
N GLU A 22 1.08 -6.37 4.64
CA GLU A 22 0.77 -6.32 3.22
C GLU A 22 -0.05 -7.57 2.88
N ALA A 23 0.37 -8.72 3.40
CA ALA A 23 -0.28 -9.99 3.14
C ALA A 23 -1.57 -10.14 3.96
N ARG A 24 -1.56 -9.72 5.24
CA ARG A 24 -2.73 -9.80 6.09
C ARG A 24 -3.87 -9.02 5.45
N ILE A 25 -3.66 -7.72 5.27
CA ILE A 25 -4.65 -6.82 4.71
C ILE A 25 -5.13 -7.33 3.36
N ARG A 26 -4.20 -7.71 2.46
CA ARG A 26 -4.54 -8.21 1.15
C ARG A 26 -5.50 -9.38 1.24
N GLN A 27 -5.20 -10.36 2.08
CA GLN A 27 -6.04 -11.53 2.23
C GLN A 27 -7.38 -11.20 2.87
N ASN A 28 -7.41 -10.28 3.83
CA ASN A 28 -8.63 -9.92 4.54
C ASN A 28 -9.66 -9.20 3.67
N GLU A 29 -9.22 -8.29 2.80
CA GLU A 29 -10.08 -7.50 1.93
C GLU A 29 -10.01 -7.98 0.46
N ILE A 30 -9.53 -9.21 0.24
CA ILE A 30 -9.34 -9.87 -1.06
C ILE A 30 -10.59 -9.94 -1.95
N ASN A 31 -11.77 -9.68 -1.40
CA ASN A 31 -13.04 -9.71 -2.12
C ASN A 31 -13.54 -8.31 -2.42
N ASN A 32 -12.73 -7.28 -2.18
CA ASN A 32 -13.06 -5.89 -2.43
C ASN A 32 -12.02 -5.31 -3.38
N PRO A 33 -12.43 -4.67 -4.48
CA PRO A 33 -11.52 -4.13 -5.47
C PRO A 33 -10.76 -2.89 -4.98
N LYS A 34 -11.18 -2.24 -3.90
CA LYS A 34 -10.46 -1.07 -3.39
C LYS A 34 -9.05 -1.41 -2.96
N PHE A 35 -8.86 -2.61 -2.40
CA PHE A 35 -7.60 -3.14 -1.91
C PHE A 35 -6.84 -3.95 -2.96
N ASN A 36 -7.37 -4.10 -4.18
CA ASN A 36 -6.72 -4.86 -5.24
C ASN A 36 -5.29 -4.38 -5.54
N PHE A 37 -4.94 -3.13 -5.23
CA PHE A 37 -3.60 -2.59 -5.46
C PHE A 37 -2.54 -3.40 -4.71
N LEU A 38 -2.94 -4.14 -3.67
CA LEU A 38 -2.04 -4.98 -2.88
C LEU A 38 -1.59 -6.21 -3.68
N ASN A 39 -2.36 -6.62 -4.69
CA ASN A 39 -2.04 -7.74 -5.58
C ASN A 39 -1.28 -7.20 -6.80
N PRO A 40 -0.48 -8.05 -7.47
CA PRO A 40 0.30 -7.69 -8.66
C PRO A 40 -0.54 -7.49 -9.92
N ASN A 41 -1.81 -7.90 -9.90
CA ASN A 41 -2.71 -7.80 -11.04
C ASN A 41 -3.24 -6.37 -11.23
N ASP A 42 -2.89 -5.42 -10.36
CA ASP A 42 -3.32 -4.02 -10.46
C ASP A 42 -2.15 -3.17 -10.97
N PRO A 43 -2.44 -2.12 -11.76
CA PRO A 43 -1.42 -1.24 -12.32
C PRO A 43 -0.76 -0.34 -11.29
N TYR A 44 -1.48 0.03 -10.22
CA TYR A 44 -0.95 0.89 -9.17
C TYR A 44 0.01 0.12 -8.26
N HIS A 45 0.04 -1.21 -8.36
CA HIS A 45 0.90 -2.04 -7.53
C HIS A 45 2.36 -1.60 -7.58
N ALA A 46 2.92 -1.35 -8.78
CA ALA A 46 4.33 -0.92 -8.89
C ALA A 46 4.60 0.38 -8.13
N TYR A 47 3.63 1.30 -8.12
CA TYR A 47 3.75 2.57 -7.39
C TYR A 47 3.61 2.28 -5.90
N TYR A 48 2.70 1.37 -5.53
CA TYR A 48 2.50 0.99 -4.14
C TYR A 48 3.83 0.49 -3.56
N ARG A 49 4.57 -0.32 -4.33
CA ARG A 49 5.87 -0.87 -3.90
C ARG A 49 6.84 0.25 -3.55
N HIS A 50 6.89 1.31 -4.39
CA HIS A 50 7.76 2.46 -4.17
C HIS A 50 7.40 3.13 -2.87
N LYS A 51 6.11 3.42 -2.64
CA LYS A 51 5.68 4.07 -1.41
C LYS A 51 6.11 3.28 -0.19
N VAL A 52 5.95 1.95 -0.16
CA VAL A 52 6.37 1.13 0.98
C VAL A 52 7.83 1.43 1.30
N SER A 53 8.70 1.35 0.29
CA SER A 53 10.12 1.61 0.42
C SER A 53 10.35 3.04 0.96
N GLU A 54 9.61 4.02 0.46
CA GLU A 54 9.67 5.43 0.81
C GLU A 54 9.34 5.69 2.27
N PHE A 55 8.18 5.18 2.70
CA PHE A 55 7.69 5.31 4.06
C PHE A 55 8.60 4.56 5.02
N LYS A 56 9.22 3.46 4.58
CA LYS A 56 10.12 2.69 5.44
C LYS A 56 11.35 3.52 5.75
N GLU A 57 11.84 4.25 4.77
CA GLU A 57 13.02 5.11 4.95
C GLU A 57 12.63 6.40 5.68
N GLY A 58 11.34 6.70 5.76
CA GLY A 58 10.85 7.89 6.44
C GLY A 58 11.22 9.15 5.64
N LYS A 59 11.33 9.03 4.31
CA LYS A 59 11.68 10.14 3.41
C LYS A 59 10.49 10.63 2.60
N ALA A 60 9.44 9.80 2.53
CA ALA A 60 8.24 10.10 1.79
C ALA A 60 7.53 11.32 2.34
N GLN A 61 6.52 11.79 1.62
CA GLN A 61 5.73 12.93 2.02
C GLN A 61 4.34 12.40 2.31
N GLU A 62 4.16 12.00 3.56
CA GLU A 62 2.92 11.47 4.11
C GLU A 62 1.86 12.57 4.07
N PRO A 63 0.56 12.23 4.03
CA PRO A 63 -0.50 13.23 4.00
C PRO A 63 -0.59 13.93 5.35
N SER A 64 -1.51 14.90 5.46
CA SER A 64 -1.69 15.65 6.69
C SER A 64 -3.12 16.09 6.85
N GLY A 1 -9.11 11.30 -7.66
CA GLY A 1 -8.05 10.50 -7.03
C GLY A 1 -8.58 9.71 -5.85
N GLU A 2 -8.26 8.42 -5.79
CA GLU A 2 -8.66 7.49 -4.74
C GLU A 2 -7.65 6.36 -4.72
N VAL A 3 -7.47 5.64 -5.83
CA VAL A 3 -6.50 4.55 -5.90
C VAL A 3 -5.11 5.00 -5.45
N ARG A 4 -4.60 6.14 -5.95
CA ARG A 4 -3.29 6.61 -5.56
C ARG A 4 -3.29 7.06 -4.08
N ASN A 5 -4.41 7.58 -3.59
CA ASN A 5 -4.58 8.05 -2.22
C ASN A 5 -4.48 6.87 -1.26
N ILE A 6 -5.27 5.83 -1.49
CA ILE A 6 -5.27 4.64 -0.65
C ILE A 6 -3.93 3.91 -0.74
N VAL A 7 -3.25 3.93 -1.88
CA VAL A 7 -1.98 3.26 -2.05
C VAL A 7 -1.04 3.89 -1.03
N ASP A 8 -0.84 5.20 -1.11
CA ASP A 8 0.00 6.00 -0.22
C ASP A 8 -0.18 5.64 1.25
N LYS A 9 -1.41 5.76 1.74
CA LYS A 9 -1.77 5.50 3.13
C LYS A 9 -1.60 4.04 3.52
N THR A 10 -1.99 3.13 2.63
CA THR A 10 -1.81 1.71 2.93
C THR A 10 -0.32 1.44 3.09
N ALA A 11 0.52 2.03 2.21
CA ALA A 11 1.96 1.82 2.32
C ALA A 11 2.43 2.37 3.66
N SER A 12 2.00 3.55 4.09
CA SER A 12 2.40 4.13 5.37
C SER A 12 2.32 3.08 6.49
N PHE A 13 1.14 2.50 6.72
CA PHE A 13 0.95 1.51 7.77
C PHE A 13 1.80 0.25 7.58
N VAL A 14 1.82 -0.30 6.36
CA VAL A 14 2.60 -1.50 6.02
C VAL A 14 4.10 -1.25 6.22
N ALA A 15 4.56 -0.03 5.98
CA ALA A 15 5.94 0.39 6.12
C ALA A 15 6.26 0.52 7.60
N ARG A 16 5.32 1.01 8.42
CA ARG A 16 5.56 1.17 9.84
C ARG A 16 5.57 -0.17 10.57
N ASN A 17 4.52 -0.97 10.39
CA ASN A 17 4.38 -2.26 11.05
C ASN A 17 5.28 -3.33 10.45
N GLY A 18 5.35 -3.42 9.12
CA GLY A 18 6.14 -4.40 8.40
C GLY A 18 5.32 -5.04 7.27
N PRO A 19 5.98 -5.76 6.35
CA PRO A 19 5.34 -6.41 5.21
C PRO A 19 4.32 -7.47 5.57
N GLU A 20 4.25 -7.89 6.84
CA GLU A 20 3.29 -8.89 7.30
C GLU A 20 1.86 -8.41 7.02
N PHE A 21 1.64 -7.11 7.17
CA PHE A 21 0.36 -6.48 6.96
C PHE A 21 -0.01 -6.44 5.50
N GLU A 22 0.97 -6.35 4.61
CA GLU A 22 0.71 -6.30 3.19
C GLU A 22 -0.05 -7.55 2.76
N ALA A 23 0.36 -8.70 3.29
CA ALA A 23 -0.27 -9.97 2.97
C ALA A 23 -1.61 -10.12 3.67
N ARG A 24 -1.66 -9.81 4.98
CA ARG A 24 -2.88 -9.92 5.77
C ARG A 24 -3.99 -9.07 5.20
N ILE A 25 -3.77 -7.75 5.09
CA ILE A 25 -4.78 -6.83 4.56
C ILE A 25 -5.26 -7.34 3.21
N ARG A 26 -4.32 -7.74 2.33
CA ARG A 26 -4.66 -8.24 1.02
C ARG A 26 -5.59 -9.43 1.09
N GLN A 27 -5.27 -10.44 1.91
CA GLN A 27 -6.08 -11.64 2.04
C GLN A 27 -7.41 -11.39 2.74
N ASN A 28 -7.44 -10.48 3.72
CA ASN A 28 -8.63 -10.13 4.50
C ASN A 28 -9.66 -9.42 3.63
N GLU A 29 -9.19 -8.54 2.76
CA GLU A 29 -10.01 -7.73 1.86
C GLU A 29 -9.86 -8.19 0.41
N ILE A 30 -9.53 -9.47 0.17
CA ILE A 30 -9.34 -10.02 -1.18
C ILE A 30 -10.62 -9.98 -2.02
N ASN A 31 -11.77 -9.76 -1.38
CA ASN A 31 -13.08 -9.69 -2.00
C ASN A 31 -13.48 -8.22 -2.21
N ASN A 32 -12.55 -7.27 -2.10
CA ASN A 32 -12.81 -5.84 -2.26
C ASN A 32 -11.82 -5.22 -3.24
N PRO A 33 -12.32 -4.55 -4.30
CA PRO A 33 -11.50 -3.90 -5.31
C PRO A 33 -10.70 -2.73 -4.74
N LYS A 34 -11.21 -2.16 -3.64
CA LYS A 34 -10.62 -1.06 -2.91
C LYS A 34 -9.17 -1.36 -2.54
N PHE A 35 -8.88 -2.60 -2.18
CA PHE A 35 -7.57 -3.11 -1.76
C PHE A 35 -6.85 -3.92 -2.84
N ASN A 36 -7.45 -4.07 -4.02
CA ASN A 36 -6.84 -4.84 -5.11
C ASN A 36 -5.42 -4.42 -5.45
N PHE A 37 -5.04 -3.16 -5.22
CA PHE A 37 -3.69 -2.64 -5.50
C PHE A 37 -2.58 -3.45 -4.82
N LEU A 38 -2.92 -4.14 -3.72
CA LEU A 38 -1.98 -4.97 -2.97
C LEU A 38 -1.59 -6.24 -3.75
N ASN A 39 -2.33 -6.60 -4.79
CA ASN A 39 -2.08 -7.77 -5.63
C ASN A 39 -1.36 -7.35 -6.91
N PRO A 40 -0.56 -8.24 -7.50
CA PRO A 40 0.16 -7.97 -8.74
C PRO A 40 -0.74 -7.73 -9.95
N ASN A 41 -2.01 -8.14 -9.89
CA ASN A 41 -2.99 -7.97 -10.96
C ASN A 41 -3.37 -6.51 -11.19
N ASP A 42 -3.12 -5.61 -10.24
CA ASP A 42 -3.46 -4.20 -10.38
C ASP A 42 -2.31 -3.41 -11.00
N PRO A 43 -2.60 -2.32 -11.72
CA PRO A 43 -1.59 -1.50 -12.37
C PRO A 43 -0.80 -0.63 -11.39
N TYR A 44 -1.41 -0.22 -10.28
CA TYR A 44 -0.76 0.62 -9.26
C TYR A 44 0.13 -0.19 -8.32
N HIS A 45 0.13 -1.52 -8.44
CA HIS A 45 0.94 -2.38 -7.58
C HIS A 45 2.41 -1.99 -7.60
N ALA A 46 3.03 -1.87 -8.78
CA ALA A 46 4.43 -1.50 -8.89
C ALA A 46 4.74 -0.15 -8.21
N TYR A 47 3.81 0.79 -8.22
CA TYR A 47 3.94 2.10 -7.60
C TYR A 47 3.77 1.96 -6.08
N TYR A 48 2.84 1.12 -5.61
CA TYR A 48 2.61 0.88 -4.19
C TYR A 48 3.93 0.41 -3.56
N ARG A 49 4.70 -0.42 -4.29
CA ARG A 49 5.99 -0.93 -3.82
C ARG A 49 6.92 0.24 -3.50
N HIS A 50 6.95 1.27 -4.36
CA HIS A 50 7.79 2.44 -4.14
C HIS A 50 7.42 3.09 -2.82
N LYS A 51 6.14 3.38 -2.63
CA LYS A 51 5.66 4.02 -1.41
C LYS A 51 6.08 3.24 -0.18
N VAL A 52 5.98 1.90 -0.18
CA VAL A 52 6.38 1.10 0.98
C VAL A 52 7.81 1.46 1.34
N SER A 53 8.70 1.41 0.35
CA SER A 53 10.09 1.74 0.59
C SER A 53 10.22 3.18 1.12
N GLU A 54 9.52 4.12 0.51
CA GLU A 54 9.51 5.54 0.81
C GLU A 54 9.18 5.81 2.28
N PHE A 55 8.07 5.25 2.75
CA PHE A 55 7.64 5.40 4.12
C PHE A 55 8.59 4.68 5.06
N LYS A 56 9.21 3.58 4.63
CA LYS A 56 10.16 2.85 5.47
C LYS A 56 11.46 3.62 5.66
N GLU A 57 11.97 4.21 4.58
CA GLU A 57 13.21 4.98 4.58
C GLU A 57 13.00 6.32 5.32
N GLY A 58 11.74 6.68 5.57
CA GLY A 58 11.35 7.90 6.26
C GLY A 58 11.55 9.13 5.38
N LYS A 59 11.39 8.99 4.06
CA LYS A 59 11.56 10.09 3.10
C LYS A 59 10.24 10.54 2.46
N ALA A 60 9.19 9.71 2.57
CA ALA A 60 7.90 10.01 1.97
C ALA A 60 7.30 11.30 2.51
N GLN A 61 6.34 11.83 1.77
CA GLN A 61 5.61 13.03 2.09
C GLN A 61 4.20 12.56 2.41
N GLU A 62 4.03 12.10 3.64
CA GLU A 62 2.79 11.58 4.17
C GLU A 62 1.72 12.70 4.24
N PRO A 63 0.43 12.34 4.27
CA PRO A 63 -0.65 13.31 4.34
C PRO A 63 -0.72 13.95 5.74
N SER A 64 -1.70 14.83 5.94
CA SER A 64 -1.90 15.53 7.20
C SER A 64 -3.38 15.81 7.38
N GLY A 1 -8.42 12.16 -6.33
CA GLY A 1 -8.07 10.75 -6.58
C GLY A 1 -8.50 9.86 -5.43
N GLU A 2 -8.28 8.54 -5.55
CA GLU A 2 -8.66 7.59 -4.51
C GLU A 2 -7.68 6.44 -4.44
N VAL A 3 -7.54 5.63 -5.50
CA VAL A 3 -6.61 4.50 -5.54
C VAL A 3 -5.24 4.96 -5.06
N ARG A 4 -4.72 6.07 -5.60
CA ARG A 4 -3.43 6.59 -5.21
C ARG A 4 -3.37 7.01 -3.75
N ASN A 5 -4.46 7.52 -3.20
CA ASN A 5 -4.58 7.95 -1.80
C ASN A 5 -4.52 6.74 -0.89
N ILE A 6 -5.39 5.74 -1.12
CA ILE A 6 -5.44 4.53 -0.31
C ILE A 6 -4.12 3.77 -0.45
N VAL A 7 -3.49 3.75 -1.63
CA VAL A 7 -2.25 3.07 -1.89
C VAL A 7 -1.20 3.67 -0.96
N ASP A 8 -0.94 4.97 -1.10
CA ASP A 8 0.03 5.73 -0.32
C ASP A 8 -0.14 5.50 1.17
N LYS A 9 -1.37 5.64 1.68
CA LYS A 9 -1.69 5.45 3.09
C LYS A 9 -1.51 4.01 3.52
N THR A 10 -2.02 3.05 2.74
CA THR A 10 -1.86 1.64 3.10
C THR A 10 -0.36 1.33 3.20
N ALA A 11 0.47 1.87 2.29
CA ALA A 11 1.90 1.62 2.33
C ALA A 11 2.50 2.14 3.62
N SER A 12 2.07 3.31 4.10
CA SER A 12 2.57 3.89 5.34
C SER A 12 2.38 2.89 6.49
N PHE A 13 1.17 2.38 6.72
CA PHE A 13 0.97 1.46 7.83
C PHE A 13 1.76 0.15 7.66
N VAL A 14 1.84 -0.37 6.43
CA VAL A 14 2.59 -1.58 6.14
C VAL A 14 4.08 -1.31 6.38
N ALA A 15 4.56 -0.10 6.08
CA ALA A 15 5.94 0.31 6.26
C ALA A 15 6.25 0.41 7.75
N ARG A 16 5.25 0.79 8.55
CA ARG A 16 5.40 0.93 9.99
C ARG A 16 5.45 -0.42 10.67
N ASN A 17 4.45 -1.25 10.42
CA ASN A 17 4.36 -2.56 11.05
C ASN A 17 5.28 -3.60 10.42
N GLY A 18 5.34 -3.68 9.08
CA GLY A 18 6.16 -4.63 8.36
C GLY A 18 5.43 -5.21 7.14
N PRO A 19 6.16 -5.91 6.25
CA PRO A 19 5.60 -6.51 5.04
C PRO A 19 4.50 -7.54 5.33
N GLU A 20 4.44 -8.10 6.54
CA GLU A 20 3.40 -9.06 6.89
C GLU A 20 2.01 -8.42 6.74
N PHE A 21 1.88 -7.12 7.03
CA PHE A 21 0.61 -6.44 6.91
C PHE A 21 0.19 -6.36 5.45
N GLU A 22 1.15 -6.35 4.53
CA GLU A 22 0.86 -6.29 3.12
C GLU A 22 0.15 -7.57 2.69
N ALA A 23 0.48 -8.69 3.32
CA ALA A 23 -0.11 -9.98 3.03
C ALA A 23 -1.42 -10.15 3.80
N ARG A 24 -1.45 -9.71 5.07
CA ARG A 24 -2.63 -9.80 5.93
C ARG A 24 -3.76 -9.02 5.30
N ILE A 25 -3.59 -7.70 5.16
CA ILE A 25 -4.58 -6.79 4.61
C ILE A 25 -5.08 -7.32 3.27
N ARG A 26 -4.16 -7.72 2.39
CA ARG A 26 -4.48 -8.24 1.07
C ARG A 26 -5.38 -9.45 1.16
N GLN A 27 -4.95 -10.50 1.87
CA GLN A 27 -5.73 -11.70 2.00
C GLN A 27 -7.08 -11.44 2.66
N ASN A 28 -7.10 -10.55 3.65
CA ASN A 28 -8.32 -10.21 4.37
C ASN A 28 -9.33 -9.51 3.48
N GLU A 29 -8.90 -8.65 2.55
CA GLU A 29 -9.75 -7.88 1.64
C GLU A 29 -9.57 -8.28 0.18
N ILE A 30 -9.28 -9.55 -0.06
CA ILE A 30 -9.10 -10.12 -1.39
C ILE A 30 -10.43 -10.19 -2.17
N ASN A 31 -11.52 -9.77 -1.52
CA ASN A 31 -12.88 -9.72 -2.03
C ASN A 31 -13.39 -8.29 -2.19
N ASN A 32 -12.54 -7.26 -2.08
CA ASN A 32 -12.97 -5.87 -2.23
C ASN A 32 -12.03 -5.17 -3.21
N PRO A 33 -12.57 -4.49 -4.24
CA PRO A 33 -11.77 -3.83 -5.26
C PRO A 33 -10.88 -2.71 -4.70
N LYS A 34 -11.29 -2.07 -3.61
CA LYS A 34 -10.51 -1.00 -2.99
C LYS A 34 -9.11 -1.46 -2.60
N PHE A 35 -8.92 -2.72 -2.25
CA PHE A 35 -7.64 -3.29 -1.84
C PHE A 35 -6.97 -4.08 -2.95
N ASN A 36 -7.52 -4.11 -4.16
CA ASN A 36 -6.93 -4.87 -5.26
C ASN A 36 -5.50 -4.39 -5.57
N PHE A 37 -5.16 -3.14 -5.24
CA PHE A 37 -3.83 -2.56 -5.48
C PHE A 37 -2.70 -3.35 -4.81
N LEU A 38 -3.01 -4.10 -3.75
CA LEU A 38 -2.04 -4.92 -3.02
C LEU A 38 -1.60 -6.14 -3.82
N ASN A 39 -2.31 -6.46 -4.90
CA ASN A 39 -2.04 -7.59 -5.76
C ASN A 39 -1.37 -7.14 -7.05
N PRO A 40 -0.55 -7.99 -7.68
CA PRO A 40 0.13 -7.67 -8.92
C PRO A 40 -0.83 -7.48 -10.11
N ASN A 41 -2.10 -7.86 -9.98
CA ASN A 41 -3.11 -7.71 -11.03
C ASN A 41 -3.54 -6.24 -11.19
N ASP A 42 -3.12 -5.33 -10.32
CA ASP A 42 -3.50 -3.91 -10.41
C ASP A 42 -2.39 -3.11 -11.12
N PRO A 43 -2.75 -1.99 -11.78
CA PRO A 43 -1.81 -1.15 -12.51
C PRO A 43 -0.90 -0.33 -11.61
N TYR A 44 -1.42 0.10 -10.47
CA TYR A 44 -0.71 0.92 -9.50
C TYR A 44 0.14 0.13 -8.50
N HIS A 45 0.13 -1.19 -8.58
CA HIS A 45 0.89 -2.04 -7.68
C HIS A 45 2.37 -1.65 -7.66
N ALA A 46 2.97 -1.39 -8.83
CA ALA A 46 4.37 -1.00 -8.95
C ALA A 46 4.71 0.26 -8.14
N TYR A 47 3.78 1.22 -8.07
CA TYR A 47 3.91 2.47 -7.32
C TYR A 47 3.70 2.12 -5.84
N TYR A 48 2.73 1.25 -5.52
CA TYR A 48 2.48 0.84 -4.13
C TYR A 48 3.77 0.26 -3.53
N ARG A 49 4.43 -0.62 -4.28
CA ARG A 49 5.68 -1.27 -3.86
C ARG A 49 6.71 -0.21 -3.44
N HIS A 50 6.88 0.83 -4.26
CA HIS A 50 7.80 1.94 -4.01
C HIS A 50 7.43 2.64 -2.72
N LYS A 51 6.18 3.05 -2.57
CA LYS A 51 5.74 3.76 -1.37
C LYS A 51 6.12 3.02 -0.09
N VAL A 52 5.90 1.71 0.00
CA VAL A 52 6.23 0.95 1.20
C VAL A 52 7.69 1.20 1.56
N SER A 53 8.59 0.91 0.61
CA SER A 53 10.01 1.08 0.77
C SER A 53 10.34 2.53 1.18
N GLU A 54 9.69 3.52 0.59
CA GLU A 54 9.90 4.93 0.87
C GLU A 54 9.46 5.35 2.26
N PHE A 55 8.27 4.93 2.69
CA PHE A 55 7.81 5.27 4.03
C PHE A 55 8.74 4.60 5.05
N LYS A 56 9.30 3.44 4.72
CA LYS A 56 10.24 2.72 5.58
C LYS A 56 11.53 3.52 5.67
N GLU A 57 11.98 4.12 4.57
CA GLU A 57 13.22 4.92 4.59
C GLU A 57 13.00 6.22 5.36
N GLY A 58 11.74 6.54 5.66
CA GLY A 58 11.33 7.73 6.37
C GLY A 58 11.60 8.97 5.52
N LYS A 59 11.30 8.90 4.21
CA LYS A 59 11.53 10.03 3.30
C LYS A 59 10.31 10.52 2.53
N ALA A 60 9.33 9.66 2.24
CA ALA A 60 8.16 10.11 1.49
C ALA A 60 7.39 11.22 2.22
N GLN A 61 6.68 11.99 1.42
CA GLN A 61 5.85 13.09 1.87
C GLN A 61 4.44 12.53 2.09
N GLU A 62 4.11 12.19 3.32
CA GLU A 62 2.83 11.64 3.72
C GLU A 62 1.71 12.70 3.57
N PRO A 63 0.42 12.30 3.55
CA PRO A 63 -0.72 13.22 3.43
C PRO A 63 -1.04 13.87 4.80
N SER A 64 -2.15 14.59 4.89
CA SER A 64 -2.62 15.24 6.11
C SER A 64 -4.14 15.38 6.01
N GLY A 1 -8.62 9.94 -8.39
CA GLY A 1 -8.11 10.63 -7.20
C GLY A 1 -8.53 9.94 -5.92
N GLU A 2 -8.13 8.69 -5.71
CA GLU A 2 -8.46 7.90 -4.53
C GLU A 2 -7.53 6.72 -4.40
N VAL A 3 -7.36 5.96 -5.48
CA VAL A 3 -6.48 4.80 -5.46
C VAL A 3 -5.10 5.21 -4.94
N ARG A 4 -4.52 6.32 -5.40
CA ARG A 4 -3.21 6.74 -4.89
C ARG A 4 -3.28 7.05 -3.39
N ASN A 5 -4.37 7.66 -2.91
CA ASN A 5 -4.58 7.99 -1.50
C ASN A 5 -4.52 6.74 -0.67
N ILE A 6 -5.37 5.76 -1.01
CA ILE A 6 -5.43 4.52 -0.25
C ILE A 6 -4.10 3.76 -0.32
N VAL A 7 -3.47 3.76 -1.50
CA VAL A 7 -2.21 3.09 -1.76
C VAL A 7 -1.19 3.69 -0.80
N ASP A 8 -0.92 4.97 -0.93
CA ASP A 8 0.01 5.77 -0.15
C ASP A 8 -0.17 5.52 1.35
N LYS A 9 -1.39 5.67 1.83
CA LYS A 9 -1.73 5.48 3.23
C LYS A 9 -1.47 4.05 3.65
N THR A 10 -1.98 3.06 2.92
CA THR A 10 -1.74 1.67 3.24
C THR A 10 -0.24 1.38 3.30
N ALA A 11 0.56 1.92 2.38
CA ALA A 11 2.00 1.66 2.38
C ALA A 11 2.63 2.14 3.68
N SER A 12 2.22 3.30 4.22
CA SER A 12 2.77 3.81 5.47
C SER A 12 2.64 2.77 6.58
N PHE A 13 1.44 2.27 6.87
CA PHE A 13 1.29 1.29 7.94
C PHE A 13 2.04 0.00 7.66
N VAL A 14 2.04 -0.48 6.42
CA VAL A 14 2.73 -1.70 6.04
C VAL A 14 4.26 -1.49 6.16
N ALA A 15 4.73 -0.26 5.95
CA ALA A 15 6.12 0.11 6.06
C ALA A 15 6.50 0.12 7.54
N ARG A 16 5.65 0.75 8.37
CA ARG A 16 5.85 0.88 9.81
C ARG A 16 5.84 -0.46 10.54
N ASN A 17 4.76 -1.21 10.33
CA ASN A 17 4.56 -2.50 10.98
C ASN A 17 5.38 -3.61 10.32
N GLY A 18 5.41 -3.69 8.99
CA GLY A 18 6.16 -4.71 8.27
C GLY A 18 5.37 -5.37 7.14
N PRO A 19 6.05 -6.22 6.34
CA PRO A 19 5.48 -6.93 5.20
C PRO A 19 4.32 -7.87 5.56
N GLU A 20 4.22 -8.30 6.82
CA GLU A 20 3.15 -9.18 7.27
C GLU A 20 1.77 -8.55 7.01
N PHE A 21 1.67 -7.24 7.17
CA PHE A 21 0.43 -6.53 6.97
C PHE A 21 0.08 -6.47 5.49
N GLU A 22 1.07 -6.44 4.60
CA GLU A 22 0.81 -6.39 3.17
C GLU A 22 0.01 -7.62 2.78
N ALA A 23 0.37 -8.77 3.35
CA ALA A 23 -0.28 -10.03 3.07
C ALA A 23 -1.63 -10.13 3.77
N ARG A 24 -1.67 -9.84 5.07
CA ARG A 24 -2.89 -9.91 5.86
C ARG A 24 -3.96 -9.03 5.27
N ILE A 25 -3.72 -7.72 5.17
CA ILE A 25 -4.68 -6.78 4.64
C ILE A 25 -5.16 -7.26 3.27
N ARG A 26 -4.22 -7.67 2.39
CA ARG A 26 -4.56 -8.13 1.06
C ARG A 26 -5.55 -9.27 1.12
N GLN A 27 -5.21 -10.36 1.80
CA GLN A 27 -6.05 -11.53 1.91
C GLN A 27 -7.39 -11.25 2.60
N ASN A 28 -7.41 -10.31 3.54
CA ASN A 28 -8.61 -9.97 4.30
C ASN A 28 -9.63 -9.21 3.46
N GLU A 29 -9.18 -8.25 2.66
CA GLU A 29 -9.99 -7.38 1.80
C GLU A 29 -9.95 -7.83 0.32
N ILE A 30 -9.47 -9.04 0.03
CA ILE A 30 -9.30 -9.64 -1.30
C ILE A 30 -10.58 -9.75 -2.15
N ASN A 31 -11.72 -9.39 -1.59
CA ASN A 31 -13.01 -9.44 -2.26
C ASN A 31 -13.56 -8.06 -2.58
N ASN A 32 -12.77 -7.00 -2.36
CA ASN A 32 -13.15 -5.62 -2.63
C ASN A 32 -12.07 -4.98 -3.49
N PRO A 33 -12.44 -4.31 -4.59
CA PRO A 33 -11.50 -3.68 -5.49
C PRO A 33 -10.65 -2.59 -4.79
N LYS A 34 -11.17 -2.03 -3.70
CA LYS A 34 -10.51 -1.01 -2.89
C LYS A 34 -9.09 -1.42 -2.52
N PHE A 35 -8.86 -2.69 -2.15
CA PHE A 35 -7.57 -3.23 -1.74
C PHE A 35 -6.86 -4.05 -2.81
N ASN A 36 -7.45 -4.19 -4.00
CA ASN A 36 -6.83 -4.97 -5.07
C ASN A 36 -5.45 -4.41 -5.45
N PHE A 37 -5.10 -3.16 -5.11
CA PHE A 37 -3.80 -2.57 -5.43
C PHE A 37 -2.65 -3.38 -4.80
N LEU A 38 -2.95 -4.14 -3.74
CA LEU A 38 -1.99 -4.97 -3.04
C LEU A 38 -1.61 -6.21 -3.88
N ASN A 39 -2.38 -6.53 -4.91
CA ASN A 39 -2.14 -7.65 -5.81
C ASN A 39 -1.25 -7.20 -6.95
N PRO A 40 -0.42 -8.09 -7.51
CA PRO A 40 0.46 -7.76 -8.63
C PRO A 40 -0.31 -7.51 -9.92
N ASN A 41 -1.56 -7.95 -9.98
CA ASN A 41 -2.46 -7.84 -11.11
C ASN A 41 -3.09 -6.45 -11.26
N ASP A 42 -2.76 -5.51 -10.37
CA ASP A 42 -3.28 -4.15 -10.43
C ASP A 42 -2.22 -3.27 -11.07
N PRO A 43 -2.62 -2.19 -11.75
CA PRO A 43 -1.70 -1.29 -12.44
C PRO A 43 -0.86 -0.46 -11.48
N TYR A 44 -1.46 -0.06 -10.35
CA TYR A 44 -0.86 0.76 -9.32
C TYR A 44 0.02 0.00 -8.35
N HIS A 45 0.08 -1.32 -8.46
CA HIS A 45 0.90 -2.14 -7.57
C HIS A 45 2.35 -1.69 -7.58
N ALA A 46 2.95 -1.48 -8.74
CA ALA A 46 4.35 -1.06 -8.84
C ALA A 46 4.62 0.26 -8.11
N TYR A 47 3.65 1.18 -8.07
CA TYR A 47 3.76 2.45 -7.37
C TYR A 47 3.58 2.16 -5.88
N TYR A 48 2.64 1.28 -5.50
CA TYR A 48 2.42 0.91 -4.10
C TYR A 48 3.74 0.36 -3.53
N ARG A 49 4.41 -0.49 -4.30
CA ARG A 49 5.68 -1.11 -3.93
C ARG A 49 6.70 -0.01 -3.59
N HIS A 50 6.77 1.03 -4.43
CA HIS A 50 7.68 2.14 -4.21
C HIS A 50 7.34 2.80 -2.89
N LYS A 51 6.07 3.18 -2.68
CA LYS A 51 5.64 3.85 -1.47
C LYS A 51 6.05 3.10 -0.22
N VAL A 52 5.89 1.77 -0.16
CA VAL A 52 6.27 1.00 1.02
C VAL A 52 7.71 1.36 1.37
N SER A 53 8.64 1.12 0.44
CA SER A 53 10.04 1.44 0.66
C SER A 53 10.19 2.92 1.04
N GLU A 54 9.55 3.84 0.34
CA GLU A 54 9.62 5.29 0.58
C GLU A 54 9.31 5.63 2.03
N PHE A 55 8.17 5.12 2.52
CA PHE A 55 7.73 5.33 3.89
C PHE A 55 8.69 4.67 4.85
N LYS A 56 9.29 3.54 4.48
CA LYS A 56 10.24 2.84 5.34
C LYS A 56 11.53 3.63 5.45
N GLU A 57 11.98 4.24 4.36
CA GLU A 57 13.21 5.05 4.39
C GLU A 57 12.97 6.29 5.26
N GLY A 58 11.71 6.65 5.48
CA GLY A 58 11.32 7.78 6.30
C GLY A 58 11.57 9.10 5.58
N LYS A 59 11.54 9.10 4.25
CA LYS A 59 11.76 10.28 3.40
C LYS A 59 10.53 10.66 2.61
N ALA A 60 9.57 9.74 2.48
CA ALA A 60 8.36 9.96 1.73
C ALA A 60 7.53 11.06 2.34
N GLN A 61 6.89 11.88 1.50
CA GLN A 61 6.02 12.92 2.00
C GLN A 61 4.72 12.21 2.37
N GLU A 62 4.37 12.19 3.65
CA GLU A 62 3.16 11.56 4.13
C GLU A 62 1.97 12.44 3.69
N PRO A 63 0.73 11.93 3.75
CA PRO A 63 -0.45 12.65 3.32
C PRO A 63 -0.86 13.76 4.29
N SER A 64 -1.98 14.41 3.97
CA SER A 64 -2.58 15.49 4.71
C SER A 64 -4.09 15.26 4.65
N GLY A 1 -7.92 12.01 -6.20
CA GLY A 1 -8.22 10.62 -6.58
C GLY A 1 -8.01 9.66 -5.41
N GLU A 2 -8.84 8.62 -5.32
CA GLU A 2 -8.79 7.63 -4.24
C GLU A 2 -7.68 6.61 -4.31
N VAL A 3 -7.56 5.86 -5.41
CA VAL A 3 -6.55 4.83 -5.55
C VAL A 3 -5.19 5.31 -5.05
N ARG A 4 -4.70 6.47 -5.48
CA ARG A 4 -3.40 6.92 -4.97
C ARG A 4 -3.44 7.15 -3.46
N ASN A 5 -4.53 7.70 -2.91
CA ASN A 5 -4.65 7.96 -1.47
C ASN A 5 -4.59 6.66 -0.68
N ILE A 6 -5.46 5.70 -1.02
CA ILE A 6 -5.50 4.45 -0.29
C ILE A 6 -4.16 3.73 -0.39
N VAL A 7 -3.53 3.77 -1.57
CA VAL A 7 -2.25 3.15 -1.86
C VAL A 7 -1.24 3.75 -0.89
N ASP A 8 -1.00 5.05 -1.00
CA ASP A 8 -0.07 5.84 -0.20
C ASP A 8 -0.23 5.57 1.30
N LYS A 9 -1.47 5.67 1.80
CA LYS A 9 -1.77 5.44 3.21
C LYS A 9 -1.55 4.00 3.61
N THR A 10 -2.04 3.05 2.81
CA THR A 10 -1.84 1.64 3.14
C THR A 10 -0.32 1.34 3.21
N ALA A 11 0.49 1.91 2.30
CA ALA A 11 1.92 1.67 2.32
C ALA A 11 2.49 2.19 3.64
N SER A 12 2.18 3.42 4.08
CA SER A 12 2.68 3.95 5.34
C SER A 12 2.59 2.91 6.46
N PHE A 13 1.42 2.33 6.69
CA PHE A 13 1.25 1.33 7.74
C PHE A 13 2.05 0.05 7.51
N VAL A 14 2.02 -0.50 6.29
CA VAL A 14 2.74 -1.71 5.91
C VAL A 14 4.25 -1.50 6.07
N ALA A 15 4.72 -0.27 5.88
CA ALA A 15 6.10 0.11 6.00
C ALA A 15 6.46 0.14 7.48
N ARG A 16 5.61 0.73 8.32
CA ARG A 16 5.90 0.81 9.75
C ARG A 16 5.85 -0.51 10.47
N ASN A 17 4.82 -1.30 10.19
CA ASN A 17 4.62 -2.58 10.83
C ASN A 17 5.47 -3.69 10.21
N GLY A 18 5.51 -3.75 8.88
CA GLY A 18 6.27 -4.75 8.14
C GLY A 18 5.43 -5.32 6.99
N PRO A 19 6.07 -6.04 6.05
CA PRO A 19 5.40 -6.63 4.88
C PRO A 19 4.34 -7.66 5.23
N GLU A 20 4.26 -8.12 6.49
CA GLU A 20 3.25 -9.07 6.90
C GLU A 20 1.87 -8.42 6.77
N PHE A 21 1.78 -7.11 6.99
CA PHE A 21 0.52 -6.40 6.89
C PHE A 21 0.07 -6.35 5.46
N GLU A 22 1.00 -6.40 4.51
CA GLU A 22 0.67 -6.37 3.11
C GLU A 22 -0.16 -7.61 2.80
N ALA A 23 0.28 -8.77 3.29
CA ALA A 23 -0.38 -10.03 3.06
C ALA A 23 -1.65 -10.13 3.92
N ARG A 24 -1.60 -9.69 5.18
CA ARG A 24 -2.74 -9.72 6.08
C ARG A 24 -3.87 -8.91 5.47
N ILE A 25 -3.64 -7.62 5.24
CA ILE A 25 -4.64 -6.72 4.68
C ILE A 25 -5.13 -7.27 3.34
N ARG A 26 -4.23 -7.62 2.43
CA ARG A 26 -4.61 -8.14 1.12
C ARG A 26 -5.52 -9.34 1.24
N GLN A 27 -5.19 -10.34 2.07
CA GLN A 27 -6.01 -11.52 2.20
C GLN A 27 -7.32 -11.26 2.92
N ASN A 28 -7.36 -10.29 3.83
CA ASN A 28 -8.55 -9.96 4.60
C ASN A 28 -9.60 -9.27 3.73
N GLU A 29 -9.16 -8.26 2.97
CA GLU A 29 -9.95 -7.40 2.09
C GLU A 29 -9.93 -7.87 0.62
N ILE A 30 -9.42 -9.08 0.33
CA ILE A 30 -9.28 -9.69 -0.99
C ILE A 30 -10.54 -9.65 -1.88
N ASN A 31 -11.72 -9.59 -1.27
CA ASN A 31 -12.98 -9.58 -2.01
C ASN A 31 -13.44 -8.18 -2.41
N ASN A 32 -12.64 -7.14 -2.17
CA ASN A 32 -12.97 -5.75 -2.51
C ASN A 32 -11.90 -5.20 -3.45
N PRO A 33 -12.30 -4.62 -4.60
CA PRO A 33 -11.37 -4.09 -5.58
C PRO A 33 -10.59 -2.89 -5.05
N LYS A 34 -11.09 -2.23 -3.99
CA LYS A 34 -10.42 -1.09 -3.37
C LYS A 34 -9.02 -1.46 -2.89
N PHE A 35 -8.77 -2.74 -2.61
CA PHE A 35 -7.51 -3.29 -2.11
C PHE A 35 -6.75 -4.07 -3.17
N ASN A 36 -7.24 -4.10 -4.41
CA ASN A 36 -6.56 -4.83 -5.49
C ASN A 36 -5.15 -4.30 -5.73
N PHE A 37 -4.83 -3.06 -5.33
CA PHE A 37 -3.51 -2.49 -5.49
C PHE A 37 -2.44 -3.32 -4.75
N LEU A 38 -2.84 -4.11 -3.75
CA LEU A 38 -1.95 -4.97 -2.99
C LEU A 38 -1.54 -6.18 -3.83
N ASN A 39 -2.41 -6.61 -4.77
CA ASN A 39 -2.12 -7.71 -5.68
C ASN A 39 -1.36 -7.12 -6.86
N PRO A 40 -0.57 -7.94 -7.57
CA PRO A 40 0.22 -7.49 -8.71
C PRO A 40 -0.64 -7.20 -9.96
N ASN A 41 -1.91 -7.61 -9.98
CA ASN A 41 -2.80 -7.41 -11.11
C ASN A 41 -3.23 -5.95 -11.30
N ASP A 42 -3.07 -5.08 -10.31
CA ASP A 42 -3.46 -3.67 -10.45
C ASP A 42 -2.27 -2.88 -11.01
N PRO A 43 -2.52 -1.85 -11.83
CA PRO A 43 -1.48 -1.02 -12.42
C PRO A 43 -0.78 -0.16 -11.38
N TYR A 44 -1.51 0.24 -10.34
CA TYR A 44 -0.99 1.07 -9.25
C TYR A 44 -0.09 0.25 -8.33
N HIS A 45 -0.06 -1.07 -8.46
CA HIS A 45 0.78 -1.92 -7.62
C HIS A 45 2.23 -1.45 -7.66
N ALA A 46 2.80 -1.24 -8.84
CA ALA A 46 4.19 -0.81 -8.97
C ALA A 46 4.49 0.47 -8.19
N TYR A 47 3.54 1.39 -8.16
CA TYR A 47 3.65 2.66 -7.43
C TYR A 47 3.52 2.36 -5.94
N TYR A 48 2.59 1.49 -5.54
CA TYR A 48 2.39 1.12 -4.14
C TYR A 48 3.70 0.56 -3.57
N ARG A 49 4.40 -0.27 -4.34
CA ARG A 49 5.67 -0.87 -3.92
C ARG A 49 6.69 0.21 -3.62
N HIS A 50 6.80 1.23 -4.47
CA HIS A 50 7.74 2.32 -4.26
C HIS A 50 7.45 2.99 -2.92
N LYS A 51 6.17 3.29 -2.65
CA LYS A 51 5.78 3.93 -1.42
C LYS A 51 6.21 3.12 -0.22
N VAL A 52 6.06 1.78 -0.21
CA VAL A 52 6.45 0.96 0.92
C VAL A 52 7.88 1.31 1.34
N SER A 53 8.84 1.07 0.46
CA SER A 53 10.23 1.34 0.74
C SER A 53 10.43 2.80 1.16
N GLU A 54 9.77 3.76 0.51
CA GLU A 54 9.89 5.18 0.85
C GLU A 54 9.40 5.49 2.26
N PHE A 55 8.23 4.99 2.63
CA PHE A 55 7.70 5.22 3.95
C PHE A 55 8.58 4.56 5.00
N LYS A 56 9.24 3.45 4.64
CA LYS A 56 10.14 2.74 5.54
C LYS A 56 11.38 3.59 5.76
N GLU A 57 11.86 4.24 4.71
CA GLU A 57 13.04 5.10 4.81
C GLU A 57 12.71 6.39 5.55
N GLY A 58 11.41 6.68 5.75
CA GLY A 58 10.92 7.87 6.42
C GLY A 58 11.34 9.13 5.68
N LYS A 59 11.30 9.11 4.34
CA LYS A 59 11.70 10.27 3.53
C LYS A 59 10.59 10.87 2.67
N ALA A 60 9.58 10.09 2.27
CA ALA A 60 8.48 10.59 1.47
C ALA A 60 7.65 11.58 2.28
N GLN A 61 6.79 12.27 1.56
CA GLN A 61 5.88 13.26 2.11
C GLN A 61 4.68 12.50 2.66
N GLU A 62 4.47 12.49 3.97
CA GLU A 62 3.31 11.81 4.51
C GLU A 62 2.06 12.57 3.98
N PRO A 63 0.88 11.94 3.96
CA PRO A 63 -0.32 12.57 3.43
C PRO A 63 -0.86 13.68 4.33
N SER A 64 -1.92 14.31 3.83
CA SER A 64 -2.62 15.38 4.48
C SER A 64 -4.04 15.32 3.98
N GLY A 1 -7.23 11.31 -7.53
CA GLY A 1 -8.27 10.28 -7.47
C GLY A 1 -8.42 9.76 -6.04
N GLU A 2 -8.55 8.45 -5.90
CA GLU A 2 -8.71 7.71 -4.63
C GLU A 2 -7.66 6.63 -4.54
N VAL A 3 -7.50 5.85 -5.60
CA VAL A 3 -6.55 4.76 -5.66
C VAL A 3 -5.18 5.19 -5.11
N ARG A 4 -4.63 6.35 -5.50
CA ARG A 4 -3.32 6.76 -4.96
C ARG A 4 -3.42 7.09 -3.46
N ASN A 5 -4.55 7.63 -3.00
CA ASN A 5 -4.77 7.99 -1.59
C ASN A 5 -4.67 6.72 -0.74
N ILE A 6 -5.51 5.72 -1.06
CA ILE A 6 -5.52 4.47 -0.32
C ILE A 6 -4.19 3.73 -0.45
N VAL A 7 -3.56 3.77 -1.64
CA VAL A 7 -2.29 3.12 -1.91
C VAL A 7 -1.27 3.71 -0.94
N ASP A 8 -1.03 5.01 -1.02
CA ASP A 8 -0.10 5.77 -0.20
C ASP A 8 -0.28 5.47 1.29
N LYS A 9 -1.50 5.58 1.79
CA LYS A 9 -1.83 5.34 3.20
C LYS A 9 -1.64 3.87 3.57
N THR A 10 -2.09 2.95 2.72
CA THR A 10 -1.89 1.54 3.02
C THR A 10 -0.39 1.25 3.09
N ALA A 11 0.42 1.83 2.20
CA ALA A 11 1.86 1.59 2.20
C ALA A 11 2.47 2.10 3.49
N SER A 12 2.07 3.29 3.96
CA SER A 12 2.56 3.90 5.17
C SER A 12 2.44 2.91 6.34
N PHE A 13 1.25 2.38 6.58
CA PHE A 13 1.03 1.44 7.68
C PHE A 13 1.83 0.16 7.53
N VAL A 14 1.86 -0.42 6.32
CA VAL A 14 2.59 -1.64 6.02
C VAL A 14 4.10 -1.37 6.20
N ALA A 15 4.56 -0.17 5.86
CA ALA A 15 5.94 0.23 5.99
C ALA A 15 6.29 0.27 7.47
N ARG A 16 5.40 0.85 8.29
CA ARG A 16 5.65 0.97 9.72
C ARG A 16 5.63 -0.37 10.45
N ASN A 17 4.55 -1.14 10.28
CA ASN A 17 4.38 -2.43 10.94
C ASN A 17 5.30 -3.50 10.38
N GLY A 18 5.42 -3.58 9.06
CA GLY A 18 6.24 -4.56 8.35
C GLY A 18 5.47 -5.22 7.21
N PRO A 19 6.16 -5.95 6.33
CA PRO A 19 5.55 -6.63 5.19
C PRO A 19 4.50 -7.66 5.59
N GLU A 20 4.46 -8.11 6.85
CA GLU A 20 3.46 -9.08 7.30
C GLU A 20 2.05 -8.55 7.04
N PHE A 21 1.87 -7.22 7.13
CA PHE A 21 0.60 -6.56 6.90
C PHE A 21 0.24 -6.53 5.42
N GLU A 22 1.23 -6.52 4.53
CA GLU A 22 0.97 -6.50 3.10
C GLU A 22 0.25 -7.78 2.70
N ALA A 23 0.45 -8.88 3.44
CA ALA A 23 -0.21 -10.15 3.16
C ALA A 23 -1.55 -10.20 3.88
N ARG A 24 -1.58 -9.83 5.17
CA ARG A 24 -2.81 -9.85 5.97
C ARG A 24 -3.89 -8.99 5.33
N ILE A 25 -3.64 -7.69 5.18
CA ILE A 25 -4.60 -6.74 4.61
C ILE A 25 -5.09 -7.28 3.27
N ARG A 26 -4.15 -7.69 2.41
CA ARG A 26 -4.45 -8.21 1.09
C ARG A 26 -5.42 -9.37 1.15
N GLN A 27 -5.18 -10.38 1.99
CA GLN A 27 -6.09 -11.50 2.06
C GLN A 27 -7.40 -11.17 2.76
N ASN A 28 -7.40 -10.26 3.72
CA ASN A 28 -8.59 -9.86 4.47
C ASN A 28 -9.60 -9.13 3.61
N GLU A 29 -9.12 -8.19 2.79
CA GLU A 29 -9.95 -7.37 1.93
C GLU A 29 -9.97 -7.86 0.48
N ILE A 30 -9.49 -9.08 0.19
CA ILE A 30 -9.45 -9.63 -1.18
C ILE A 30 -10.82 -9.66 -1.87
N ASN A 31 -11.89 -9.79 -1.10
CA ASN A 31 -13.26 -9.83 -1.62
C ASN A 31 -13.80 -8.45 -1.96
N ASN A 32 -12.99 -7.39 -1.82
CA ASN A 32 -13.34 -6.01 -2.11
C ASN A 32 -12.26 -5.44 -3.03
N PRO A 33 -12.63 -4.85 -4.17
CA PRO A 33 -11.67 -4.30 -5.10
C PRO A 33 -10.96 -3.04 -4.60
N LYS A 34 -11.38 -2.44 -3.47
CA LYS A 34 -10.72 -1.25 -2.93
C LYS A 34 -9.25 -1.51 -2.60
N PHE A 35 -8.90 -2.75 -2.27
CA PHE A 35 -7.55 -3.17 -1.91
C PHE A 35 -6.86 -3.98 -3.02
N ASN A 36 -7.43 -4.05 -4.22
CA ASN A 36 -6.84 -4.80 -5.34
C ASN A 36 -5.41 -4.35 -5.65
N PHE A 37 -5.07 -3.10 -5.36
CA PHE A 37 -3.74 -2.53 -5.59
C PHE A 37 -2.63 -3.33 -4.87
N LEU A 38 -2.99 -4.11 -3.85
CA LEU A 38 -2.06 -4.94 -3.10
C LEU A 38 -1.57 -6.13 -3.94
N ASN A 39 -2.30 -6.53 -4.97
CA ASN A 39 -1.95 -7.61 -5.89
C ASN A 39 -1.21 -7.01 -7.11
N PRO A 40 -0.39 -7.80 -7.80
CA PRO A 40 0.41 -7.34 -8.95
C PRO A 40 -0.34 -7.08 -10.25
N ASN A 41 -1.60 -7.53 -10.37
CA ASN A 41 -2.39 -7.36 -11.59
C ASN A 41 -2.98 -5.94 -11.69
N ASP A 42 -2.72 -5.10 -10.69
CA ASP A 42 -3.23 -3.73 -10.65
C ASP A 42 -2.26 -2.78 -11.37
N PRO A 43 -2.76 -1.67 -11.93
CA PRO A 43 -1.95 -0.70 -12.65
C PRO A 43 -1.06 0.15 -11.74
N TYR A 44 -1.37 0.23 -10.46
CA TYR A 44 -0.63 1.01 -9.49
C TYR A 44 0.20 0.15 -8.55
N HIS A 45 0.20 -1.17 -8.72
CA HIS A 45 0.97 -2.04 -7.85
C HIS A 45 2.44 -1.62 -7.75
N ALA A 46 3.11 -1.36 -8.89
CA ALA A 46 4.51 -0.94 -8.84
C ALA A 46 4.70 0.37 -8.06
N TYR A 47 3.74 1.28 -8.15
CA TYR A 47 3.77 2.56 -7.45
C TYR A 47 3.59 2.26 -5.95
N TYR A 48 2.66 1.38 -5.59
CA TYR A 48 2.41 1.00 -4.20
C TYR A 48 3.71 0.46 -3.59
N ARG A 49 4.40 -0.42 -4.31
CA ARG A 49 5.67 -1.01 -3.87
C ARG A 49 6.66 0.11 -3.56
N HIS A 50 6.80 1.09 -4.46
CA HIS A 50 7.70 2.22 -4.27
C HIS A 50 7.34 2.95 -2.99
N LYS A 51 6.07 3.29 -2.75
CA LYS A 51 5.68 4.00 -1.55
C LYS A 51 6.11 3.24 -0.29
N VAL A 52 5.92 1.92 -0.22
CA VAL A 52 6.32 1.14 0.97
C VAL A 52 7.77 1.44 1.28
N SER A 53 8.65 1.20 0.30
CA SER A 53 10.07 1.45 0.44
C SER A 53 10.34 2.89 0.86
N GLU A 54 9.63 3.87 0.30
CA GLU A 54 9.74 5.30 0.58
C GLU A 54 9.40 5.64 2.04
N PHE A 55 8.23 5.17 2.50
CA PHE A 55 7.78 5.40 3.86
C PHE A 55 8.74 4.72 4.84
N LYS A 56 9.31 3.58 4.46
CA LYS A 56 10.25 2.85 5.30
C LYS A 56 11.56 3.60 5.43
N GLU A 57 11.99 4.26 4.35
CA GLU A 57 13.23 5.04 4.41
C GLU A 57 13.00 6.28 5.28
N GLY A 58 11.73 6.65 5.50
CA GLY A 58 11.32 7.80 6.29
C GLY A 58 11.46 9.08 5.49
N LYS A 59 11.25 9.02 4.16
CA LYS A 59 11.37 10.19 3.30
C LYS A 59 10.11 10.54 2.53
N ALA A 60 9.14 9.63 2.45
CA ALA A 60 7.92 9.91 1.71
C ALA A 60 7.21 11.12 2.28
N GLN A 61 6.50 11.82 1.40
CA GLN A 61 5.76 13.02 1.74
C GLN A 61 4.37 12.56 2.15
N GLU A 62 4.30 11.99 3.36
CA GLU A 62 3.12 11.45 4.00
C GLU A 62 1.98 12.48 4.14
N PRO A 63 0.72 12.02 4.21
CA PRO A 63 -0.43 12.89 4.36
C PRO A 63 -0.51 13.43 5.79
N SER A 64 -1.50 14.27 6.04
CA SER A 64 -1.76 14.90 7.33
C SER A 64 -3.26 14.79 7.55
N GLY A 1 -6.11 11.34 -6.95
CA GLY A 1 -6.90 10.21 -7.45
C GLY A 1 -6.83 9.07 -6.46
N GLU A 2 -7.93 8.85 -5.76
CA GLU A 2 -8.20 7.85 -4.71
C GLU A 2 -7.22 6.70 -4.58
N VAL A 3 -7.08 5.89 -5.63
CA VAL A 3 -6.18 4.75 -5.64
C VAL A 3 -4.80 5.15 -5.11
N ARG A 4 -4.23 6.26 -5.57
CA ARG A 4 -2.93 6.70 -5.05
C ARG A 4 -3.04 7.01 -3.56
N ASN A 5 -4.13 7.67 -3.14
CA ASN A 5 -4.36 8.05 -1.75
C ASN A 5 -4.35 6.81 -0.85
N ILE A 6 -5.19 5.81 -1.16
CA ILE A 6 -5.27 4.58 -0.39
C ILE A 6 -3.96 3.79 -0.49
N VAL A 7 -3.26 3.85 -1.63
CA VAL A 7 -2.02 3.14 -1.83
C VAL A 7 -1.01 3.67 -0.83
N ASP A 8 -0.77 4.99 -0.83
CA ASP A 8 0.19 5.60 0.08
C ASP A 8 -0.20 5.41 1.54
N LYS A 9 -1.48 5.57 1.88
CA LYS A 9 -1.93 5.39 3.26
C LYS A 9 -1.75 3.94 3.69
N THR A 10 -2.14 2.98 2.85
CA THR A 10 -1.97 1.56 3.16
C THR A 10 -0.46 1.26 3.27
N ALA A 11 0.34 1.78 2.34
CA ALA A 11 1.78 1.60 2.30
C ALA A 11 2.43 2.10 3.59
N SER A 12 1.98 3.23 4.13
CA SER A 12 2.47 3.83 5.36
C SER A 12 2.36 2.79 6.48
N PHE A 13 1.16 2.23 6.67
CA PHE A 13 0.94 1.24 7.72
C PHE A 13 1.80 0.00 7.52
N VAL A 14 1.95 -0.48 6.27
CA VAL A 14 2.78 -1.65 5.97
C VAL A 14 4.25 -1.29 6.17
N ALA A 15 4.64 -0.04 5.97
CA ALA A 15 6.00 0.42 6.16
C ALA A 15 6.29 0.43 7.66
N ARG A 16 5.33 0.87 8.49
CA ARG A 16 5.53 0.91 9.93
C ARG A 16 5.48 -0.48 10.56
N ASN A 17 4.40 -1.22 10.29
CA ASN A 17 4.19 -2.55 10.85
C ASN A 17 4.97 -3.68 10.18
N GLY A 18 5.46 -3.49 8.96
CA GLY A 18 6.23 -4.47 8.21
C GLY A 18 5.46 -5.06 7.02
N PRO A 19 6.16 -5.73 6.08
CA PRO A 19 5.56 -6.33 4.90
C PRO A 19 4.56 -7.43 5.26
N GLU A 20 4.55 -7.92 6.49
CA GLU A 20 3.60 -8.94 6.91
C GLU A 20 2.18 -8.40 6.71
N PHE A 21 1.99 -7.09 6.86
CA PHE A 21 0.69 -6.46 6.68
C PHE A 21 0.29 -6.37 5.22
N GLU A 22 1.25 -6.39 4.29
CA GLU A 22 0.94 -6.33 2.87
C GLU A 22 0.17 -7.60 2.50
N ALA A 23 0.41 -8.69 3.22
CA ALA A 23 -0.27 -9.96 3.03
C ALA A 23 -1.55 -9.98 3.86
N ARG A 24 -1.52 -9.52 5.13
CA ARG A 24 -2.71 -9.49 5.97
C ARG A 24 -3.83 -8.70 5.33
N ILE A 25 -3.58 -7.42 5.08
CA ILE A 25 -4.54 -6.50 4.49
C ILE A 25 -5.09 -7.09 3.20
N ARG A 26 -4.21 -7.61 2.33
CA ARG A 26 -4.62 -8.19 1.07
C ARG A 26 -5.55 -9.36 1.28
N GLN A 27 -5.19 -10.33 2.13
CA GLN A 27 -6.01 -11.51 2.40
C GLN A 27 -7.32 -11.16 3.11
N ASN A 28 -7.31 -10.13 3.95
CA ASN A 28 -8.47 -9.69 4.70
C ASN A 28 -9.48 -9.04 3.77
N GLU A 29 -9.03 -8.12 2.90
CA GLU A 29 -9.85 -7.39 1.94
C GLU A 29 -9.75 -8.05 0.55
N ILE A 30 -9.50 -9.37 0.48
CA ILE A 30 -9.33 -10.11 -0.77
C ILE A 30 -10.58 -10.16 -1.66
N ASN A 31 -11.76 -9.89 -1.10
CA ASN A 31 -13.02 -9.88 -1.83
C ASN A 31 -13.45 -8.42 -2.05
N ASN A 32 -12.56 -7.45 -1.82
CA ASN A 32 -12.86 -6.03 -1.98
C ASN A 32 -11.95 -5.44 -3.06
N PRO A 33 -12.52 -4.87 -4.14
CA PRO A 33 -11.75 -4.28 -5.23
C PRO A 33 -11.00 -3.03 -4.76
N LYS A 34 -11.42 -2.38 -3.68
CA LYS A 34 -10.73 -1.19 -3.17
C LYS A 34 -9.28 -1.46 -2.78
N PHE A 35 -8.90 -2.72 -2.56
CA PHE A 35 -7.58 -3.17 -2.16
C PHE A 35 -6.86 -3.94 -3.25
N ASN A 36 -7.45 -4.00 -4.45
CA ASN A 36 -6.86 -4.70 -5.58
C ASN A 36 -5.42 -4.27 -5.82
N PHE A 37 -5.06 -3.01 -5.52
CA PHE A 37 -3.72 -2.47 -5.68
C PHE A 37 -2.66 -3.32 -4.97
N LEU A 38 -3.02 -4.07 -3.92
CA LEU A 38 -2.11 -4.93 -3.18
C LEU A 38 -1.74 -6.18 -3.97
N ASN A 39 -2.49 -6.51 -5.02
CA ASN A 39 -2.28 -7.65 -5.88
C ASN A 39 -1.53 -7.15 -7.13
N PRO A 40 -0.69 -7.97 -7.76
CA PRO A 40 0.09 -7.59 -8.93
C PRO A 40 -0.75 -7.35 -10.19
N ASN A 41 -2.02 -7.78 -10.20
CA ASN A 41 -2.93 -7.61 -11.33
C ASN A 41 -3.34 -6.15 -11.54
N ASP A 42 -2.99 -5.22 -10.64
CA ASP A 42 -3.37 -3.81 -10.76
C ASP A 42 -2.22 -2.93 -11.27
N PRO A 43 -2.55 -1.81 -11.94
CA PRO A 43 -1.58 -0.87 -12.50
C PRO A 43 -0.89 -0.06 -11.40
N TYR A 44 -1.53 0.11 -10.25
CA TYR A 44 -0.95 0.87 -9.14
C TYR A 44 -0.10 -0.02 -8.23
N HIS A 45 -0.02 -1.32 -8.53
CA HIS A 45 0.78 -2.23 -7.72
C HIS A 45 2.24 -1.77 -7.71
N ALA A 46 2.86 -1.54 -8.87
CA ALA A 46 4.25 -1.09 -8.94
C ALA A 46 4.47 0.20 -8.13
N TYR A 47 3.49 1.10 -8.15
CA TYR A 47 3.53 2.36 -7.43
C TYR A 47 3.48 2.10 -5.93
N TYR A 48 2.61 1.21 -5.48
CA TYR A 48 2.47 0.85 -4.07
C TYR A 48 3.79 0.31 -3.52
N ARG A 49 4.48 -0.52 -4.29
CA ARG A 49 5.77 -1.09 -3.86
C ARG A 49 6.72 0.03 -3.47
N HIS A 50 6.83 1.05 -4.32
CA HIS A 50 7.68 2.18 -4.08
C HIS A 50 7.21 2.91 -2.81
N LYS A 51 5.90 3.19 -2.66
CA LYS A 51 5.42 3.87 -1.47
C LYS A 51 5.89 3.16 -0.21
N VAL A 52 5.74 1.84 -0.10
CA VAL A 52 6.17 1.13 1.09
C VAL A 52 7.64 1.43 1.38
N SER A 53 8.51 1.22 0.39
CA SER A 53 9.94 1.46 0.53
C SER A 53 10.22 2.86 1.05
N GLU A 54 9.55 3.85 0.49
CA GLU A 54 9.68 5.27 0.80
C GLU A 54 9.23 5.62 2.20
N PHE A 55 8.07 5.12 2.64
CA PHE A 55 7.60 5.41 3.97
C PHE A 55 8.55 4.75 4.96
N LYS A 56 9.11 3.57 4.62
CA LYS A 56 10.05 2.84 5.47
C LYS A 56 11.32 3.66 5.63
N GLU A 57 11.85 4.22 4.54
CA GLU A 57 13.06 5.04 4.60
C GLU A 57 12.79 6.36 5.35
N GLY A 58 11.52 6.66 5.63
CA GLY A 58 11.07 7.85 6.32
C GLY A 58 11.37 9.08 5.48
N LYS A 59 11.17 9.01 4.16
CA LYS A 59 11.47 10.14 3.28
C LYS A 59 10.33 10.64 2.41
N ALA A 60 9.32 9.84 2.08
CA ALA A 60 8.26 10.35 1.21
C ALA A 60 7.40 11.39 1.92
N GLN A 61 6.64 12.15 1.13
CA GLN A 61 5.73 13.18 1.60
C GLN A 61 4.50 12.45 2.13
N GLU A 62 4.57 11.94 3.35
CA GLU A 62 3.50 11.22 4.01
C GLU A 62 2.29 12.15 4.27
N PRO A 63 1.06 11.61 4.38
CA PRO A 63 -0.11 12.41 4.67
C PRO A 63 -0.07 12.78 6.15
N SER A 64 -1.04 13.56 6.59
CA SER A 64 -1.17 14.03 7.96
C SER A 64 -2.64 13.95 8.31
N GLY A 1 -6.04 11.33 -7.48
CA GLY A 1 -6.83 10.10 -7.61
C GLY A 1 -6.87 9.32 -6.32
N GLU A 2 -8.07 8.91 -5.95
CA GLU A 2 -8.41 8.14 -4.77
C GLU A 2 -7.54 6.90 -4.65
N VAL A 3 -7.40 6.16 -5.75
CA VAL A 3 -6.58 4.96 -5.78
C VAL A 3 -5.16 5.29 -5.29
N ARG A 4 -4.52 6.36 -5.75
CA ARG A 4 -3.17 6.71 -5.30
C ARG A 4 -3.17 7.09 -3.82
N ASN A 5 -4.23 7.75 -3.32
CA ASN A 5 -4.32 8.15 -1.92
C ASN A 5 -4.38 6.93 -1.03
N ILE A 6 -5.33 6.02 -1.27
CA ILE A 6 -5.47 4.81 -0.46
C ILE A 6 -4.18 3.99 -0.51
N VAL A 7 -3.54 3.95 -1.68
CA VAL A 7 -2.30 3.24 -1.93
C VAL A 7 -1.25 3.85 -1.00
N ASP A 8 -0.94 5.13 -1.16
CA ASP A 8 0.04 5.90 -0.37
C ASP A 8 -0.17 5.67 1.12
N LYS A 9 -1.40 5.88 1.59
CA LYS A 9 -1.77 5.72 2.99
C LYS A 9 -1.55 4.29 3.43
N THR A 10 -2.09 3.31 2.71
CA THR A 10 -1.90 1.92 3.10
C THR A 10 -0.40 1.57 3.16
N ALA A 11 0.43 2.11 2.26
CA ALA A 11 1.85 1.80 2.28
C ALA A 11 2.51 2.24 3.58
N SER A 12 2.09 3.38 4.15
CA SER A 12 2.63 3.93 5.40
C SER A 12 2.50 2.88 6.51
N PHE A 13 1.29 2.46 6.89
CA PHE A 13 1.14 1.50 7.97
C PHE A 13 1.90 0.19 7.71
N VAL A 14 1.86 -0.31 6.49
CA VAL A 14 2.57 -1.53 6.12
C VAL A 14 4.09 -1.32 6.26
N ALA A 15 4.60 -0.13 5.98
CA ALA A 15 6.00 0.21 6.06
C ALA A 15 6.42 0.33 7.52
N ARG A 16 5.51 0.81 8.38
CA ARG A 16 5.78 1.01 9.80
C ARG A 16 5.74 -0.30 10.58
N ASN A 17 4.66 -1.05 10.41
CA ASN A 17 4.49 -2.32 11.10
C ASN A 17 5.38 -3.41 10.51
N GLY A 18 5.44 -3.49 9.18
CA GLY A 18 6.24 -4.47 8.45
C GLY A 18 5.43 -5.12 7.32
N PRO A 19 6.10 -5.82 6.38
CA PRO A 19 5.48 -6.47 5.24
C PRO A 19 4.45 -7.55 5.60
N GLU A 20 4.41 -8.05 6.84
CA GLU A 20 3.44 -9.05 7.25
C GLU A 20 2.00 -8.56 7.01
N PHE A 21 1.78 -7.25 7.23
CA PHE A 21 0.49 -6.61 7.06
C PHE A 21 0.11 -6.58 5.60
N GLU A 22 1.09 -6.46 4.70
CA GLU A 22 0.83 -6.42 3.27
C GLU A 22 0.12 -7.70 2.86
N ALA A 23 0.65 -8.83 3.31
CA ALA A 23 0.09 -10.13 2.98
C ALA A 23 -1.23 -10.34 3.71
N ARG A 24 -1.29 -10.01 5.00
CA ARG A 24 -2.49 -10.14 5.82
C ARG A 24 -3.64 -9.37 5.20
N ILE A 25 -3.50 -8.06 5.02
CA ILE A 25 -4.54 -7.20 4.46
C ILE A 25 -4.93 -7.72 3.07
N ARG A 26 -3.95 -8.01 2.19
CA ARG A 26 -4.25 -8.49 0.85
C ARG A 26 -5.10 -9.74 0.89
N GLN A 27 -4.71 -10.73 1.69
CA GLN A 27 -5.45 -11.97 1.79
C GLN A 27 -6.83 -11.77 2.39
N ASN A 28 -6.94 -10.91 3.40
CA ASN A 28 -8.21 -10.66 4.07
C ASN A 28 -9.20 -10.02 3.13
N GLU A 29 -8.78 -8.99 2.41
CA GLU A 29 -9.62 -8.23 1.48
C GLU A 29 -9.34 -8.57 0.02
N ILE A 30 -8.98 -9.84 -0.25
CA ILE A 30 -8.68 -10.37 -1.59
C ILE A 30 -9.91 -10.30 -2.53
N ASN A 31 -11.07 -9.97 -1.97
CA ASN A 31 -12.35 -9.85 -2.63
C ASN A 31 -12.84 -8.41 -2.74
N ASN A 32 -12.03 -7.41 -2.38
CA ASN A 32 -12.45 -6.01 -2.46
C ASN A 32 -11.43 -5.13 -3.18
N PRO A 33 -11.90 -4.09 -3.88
CA PRO A 33 -11.07 -3.17 -4.64
C PRO A 33 -10.35 -2.17 -3.74
N LYS A 34 -10.84 -1.94 -2.52
CA LYS A 34 -10.24 -1.02 -1.56
C LYS A 34 -8.84 -1.46 -1.12
N PHE A 35 -8.41 -2.65 -1.54
CA PHE A 35 -7.11 -3.24 -1.23
C PHE A 35 -6.58 -4.02 -2.43
N ASN A 36 -7.26 -4.00 -3.59
CA ASN A 36 -6.79 -4.75 -4.75
C ASN A 36 -5.45 -4.28 -5.27
N PHE A 37 -5.02 -3.07 -4.93
CA PHE A 37 -3.73 -2.52 -5.34
C PHE A 37 -2.59 -3.37 -4.74
N LEU A 38 -2.87 -4.13 -3.68
CA LEU A 38 -1.90 -5.01 -3.03
C LEU A 38 -1.64 -6.22 -3.92
N ASN A 39 -2.55 -6.54 -4.84
CA ASN A 39 -2.39 -7.66 -5.76
C ASN A 39 -1.52 -7.18 -6.93
N PRO A 40 -0.69 -8.07 -7.49
CA PRO A 40 0.20 -7.73 -8.59
C PRO A 40 -0.51 -7.43 -9.91
N ASN A 41 -1.74 -7.92 -10.04
CA ASN A 41 -2.62 -7.79 -11.20
C ASN A 41 -3.13 -6.37 -11.44
N ASP A 42 -2.93 -5.46 -10.49
CA ASP A 42 -3.37 -4.07 -10.60
C ASP A 42 -2.21 -3.22 -11.11
N PRO A 43 -2.49 -2.13 -11.84
CA PRO A 43 -1.46 -1.27 -12.40
C PRO A 43 -0.73 -0.46 -11.34
N TYR A 44 -1.47 0.04 -10.34
CA TYR A 44 -0.95 0.86 -9.27
C TYR A 44 -0.09 0.07 -8.29
N HIS A 45 -0.02 -1.25 -8.45
CA HIS A 45 0.77 -2.10 -7.60
C HIS A 45 2.22 -1.65 -7.58
N ALA A 46 2.87 -1.45 -8.74
CA ALA A 46 4.26 -1.02 -8.78
C ALA A 46 4.45 0.31 -8.03
N TYR A 47 3.50 1.23 -8.13
CA TYR A 47 3.59 2.50 -7.43
C TYR A 47 3.47 2.23 -5.92
N TYR A 48 2.53 1.38 -5.52
CA TYR A 48 2.34 1.01 -4.12
C TYR A 48 3.66 0.48 -3.57
N ARG A 49 4.34 -0.39 -4.33
CA ARG A 49 5.61 -0.99 -3.92
C ARG A 49 6.63 0.12 -3.63
N HIS A 50 6.74 1.13 -4.50
CA HIS A 50 7.68 2.23 -4.29
C HIS A 50 7.36 2.90 -2.97
N LYS A 51 6.10 3.27 -2.74
CA LYS A 51 5.68 3.94 -1.53
C LYS A 51 6.08 3.18 -0.28
N VAL A 52 5.93 1.85 -0.27
CA VAL A 52 6.32 1.06 0.90
C VAL A 52 7.78 1.35 1.22
N SER A 53 8.67 1.14 0.25
CA SER A 53 10.09 1.38 0.41
C SER A 53 10.31 2.84 0.85
N GLU A 54 9.56 3.79 0.30
CA GLU A 54 9.63 5.22 0.59
C GLU A 54 9.33 5.54 2.06
N PHE A 55 8.18 5.08 2.56
CA PHE A 55 7.75 5.30 3.92
C PHE A 55 8.69 4.60 4.90
N LYS A 56 9.28 3.48 4.49
CA LYS A 56 10.21 2.74 5.32
C LYS A 56 11.50 3.53 5.51
N GLU A 57 12.00 4.13 4.44
CA GLU A 57 13.23 4.93 4.48
C GLU A 57 13.01 6.16 5.35
N GLY A 58 11.76 6.61 5.49
CA GLY A 58 11.36 7.77 6.26
C GLY A 58 11.46 9.04 5.42
N LYS A 59 11.44 8.92 4.09
CA LYS A 59 11.53 10.04 3.16
C LYS A 59 10.19 10.37 2.52
N ALA A 60 9.23 9.45 2.56
CA ALA A 60 7.92 9.67 1.97
C ALA A 60 7.27 10.88 2.61
N GLN A 61 6.84 11.83 1.79
CA GLN A 61 6.15 13.02 2.25
C GLN A 61 4.72 12.56 2.53
N GLU A 62 4.48 12.10 3.75
CA GLU A 62 3.19 11.61 4.21
C GLU A 62 2.13 12.73 4.17
N PRO A 63 0.83 12.39 4.13
CA PRO A 63 -0.21 13.39 4.11
C PRO A 63 -0.40 14.02 5.50
N SER A 64 -1.31 14.97 5.58
CA SER A 64 -1.70 15.70 6.77
C SER A 64 -3.12 16.20 6.47
N GLY A 1 -6.37 11.57 -6.38
CA GLY A 1 -7.75 11.13 -6.59
C GLY A 1 -8.23 10.33 -5.40
N GLU A 2 -8.05 9.00 -5.45
CA GLU A 2 -8.45 8.08 -4.40
C GLU A 2 -7.52 6.89 -4.35
N VAL A 3 -7.37 6.20 -5.48
CA VAL A 3 -6.49 5.03 -5.55
C VAL A 3 -5.08 5.36 -5.04
N ARG A 4 -4.48 6.49 -5.44
CA ARG A 4 -3.14 6.80 -4.93
C ARG A 4 -3.18 7.15 -3.44
N ASN A 5 -4.27 7.74 -2.97
CA ASN A 5 -4.43 8.14 -1.57
C ASN A 5 -4.41 6.90 -0.71
N ILE A 6 -5.30 5.94 -0.98
CA ILE A 6 -5.38 4.70 -0.22
C ILE A 6 -4.08 3.91 -0.34
N VAL A 7 -3.44 3.94 -1.51
CA VAL A 7 -2.19 3.25 -1.77
C VAL A 7 -1.15 3.81 -0.81
N ASP A 8 -0.85 5.10 -0.92
CA ASP A 8 0.13 5.81 -0.09
C ASP A 8 -0.10 5.55 1.40
N LYS A 9 -1.33 5.76 1.88
CA LYS A 9 -1.69 5.59 3.27
C LYS A 9 -1.53 4.14 3.71
N THR A 10 -2.03 3.19 2.92
CA THR A 10 -1.85 1.80 3.27
C THR A 10 -0.34 1.48 3.34
N ALA A 11 0.46 1.99 2.40
CA ALA A 11 1.90 1.72 2.42
C ALA A 11 2.52 2.27 3.70
N SER A 12 2.19 3.47 4.17
CA SER A 12 2.75 4.03 5.41
C SER A 12 2.72 3.00 6.55
N PHE A 13 1.55 2.43 6.80
CA PHE A 13 1.37 1.46 7.85
C PHE A 13 2.11 0.16 7.58
N VAL A 14 2.03 -0.37 6.36
CA VAL A 14 2.71 -1.59 5.99
C VAL A 14 4.23 -1.42 6.04
N ALA A 15 4.70 -0.19 5.86
CA ALA A 15 6.10 0.15 5.89
C ALA A 15 6.55 0.24 7.33
N ARG A 16 5.76 0.89 8.18
CA ARG A 16 6.14 1.06 9.58
C ARG A 16 6.02 -0.22 10.40
N ASN A 17 4.90 -0.93 10.28
CA ASN A 17 4.66 -2.16 11.03
C ASN A 17 5.46 -3.30 10.41
N GLY A 18 5.47 -3.41 9.08
CA GLY A 18 6.19 -4.45 8.37
C GLY A 18 5.31 -5.08 7.29
N PRO A 19 5.93 -5.85 6.37
CA PRO A 19 5.26 -6.52 5.26
C PRO A 19 4.24 -7.57 5.70
N GLU A 20 4.19 -7.92 6.99
CA GLU A 20 3.25 -8.88 7.51
C GLU A 20 1.82 -8.42 7.20
N PHE A 21 1.61 -7.11 7.35
CA PHE A 21 0.34 -6.45 7.15
C PHE A 21 -0.07 -6.48 5.71
N GLU A 22 0.89 -6.39 4.80
CA GLU A 22 0.58 -6.40 3.39
C GLU A 22 -0.15 -7.67 3.01
N ALA A 23 0.35 -8.81 3.50
CA ALA A 23 -0.24 -10.10 3.21
C ALA A 23 -1.56 -10.28 3.96
N ARG A 24 -1.61 -9.91 5.24
CA ARG A 24 -2.82 -10.03 6.07
C ARG A 24 -3.95 -9.25 5.43
N ILE A 25 -3.77 -7.94 5.25
CA ILE A 25 -4.76 -7.05 4.68
C ILE A 25 -5.19 -7.61 3.32
N ARG A 26 -4.24 -7.99 2.45
CA ARG A 26 -4.57 -8.53 1.13
C ARG A 26 -5.48 -9.74 1.24
N GLN A 27 -5.18 -10.67 2.14
CA GLN A 27 -6.00 -11.87 2.28
C GLN A 27 -7.38 -11.55 2.86
N ASN A 28 -7.44 -10.62 3.81
CA ASN A 28 -8.67 -10.22 4.47
C ASN A 28 -9.62 -9.51 3.52
N GLU A 29 -9.11 -8.61 2.67
CA GLU A 29 -9.87 -7.82 1.71
C GLU A 29 -9.51 -8.21 0.27
N ILE A 30 -9.34 -9.52 0.04
CA ILE A 30 -9.01 -10.06 -1.28
C ILE A 30 -10.16 -9.87 -2.27
N ASN A 31 -11.40 -9.82 -1.78
CA ASN A 31 -12.62 -9.65 -2.59
C ASN A 31 -13.05 -8.19 -2.54
N ASN A 32 -12.14 -7.25 -2.78
CA ASN A 32 -12.49 -5.83 -2.72
C ASN A 32 -11.57 -4.93 -3.54
N PRO A 33 -12.13 -4.01 -4.34
CA PRO A 33 -11.38 -3.07 -5.15
C PRO A 33 -10.65 -2.08 -4.21
N LYS A 34 -11.15 -1.89 -2.99
CA LYS A 34 -10.56 -1.02 -1.98
C LYS A 34 -9.15 -1.46 -1.57
N PHE A 35 -8.75 -2.68 -1.94
CA PHE A 35 -7.45 -3.25 -1.62
C PHE A 35 -6.89 -4.01 -2.83
N ASN A 36 -7.43 -3.81 -4.04
CA ASN A 36 -6.97 -4.48 -5.26
C ASN A 36 -5.50 -4.18 -5.59
N PHE A 37 -5.02 -3.02 -5.14
CA PHE A 37 -3.66 -2.56 -5.40
C PHE A 37 -2.61 -3.45 -4.73
N LEU A 38 -3.02 -4.25 -3.73
CA LEU A 38 -2.12 -5.15 -3.03
C LEU A 38 -1.72 -6.35 -3.90
N ASN A 39 -2.53 -6.68 -4.92
CA ASN A 39 -2.23 -7.78 -5.85
C ASN A 39 -1.34 -7.25 -6.96
N PRO A 40 -0.54 -8.12 -7.61
CA PRO A 40 0.37 -7.72 -8.67
C PRO A 40 -0.37 -7.39 -9.98
N ASN A 41 -1.62 -7.83 -10.08
CA ASN A 41 -2.49 -7.66 -11.22
C ASN A 41 -3.06 -6.25 -11.32
N ASP A 42 -2.64 -5.33 -10.47
CA ASP A 42 -3.13 -3.96 -10.49
C ASP A 42 -2.12 -3.05 -11.20
N PRO A 43 -2.59 -2.01 -11.91
CA PRO A 43 -1.72 -1.10 -12.62
C PRO A 43 -0.91 -0.22 -11.68
N TYR A 44 -1.32 -0.12 -10.42
CA TYR A 44 -0.68 0.68 -9.40
C TYR A 44 0.16 -0.15 -8.44
N HIS A 45 0.19 -1.47 -8.58
CA HIS A 45 0.98 -2.30 -7.66
C HIS A 45 2.44 -1.82 -7.62
N ALA A 46 3.05 -1.58 -8.77
CA ALA A 46 4.43 -1.12 -8.85
C ALA A 46 4.66 0.21 -8.11
N TYR A 47 3.66 1.08 -8.08
CA TYR A 47 3.70 2.36 -7.40
C TYR A 47 3.53 2.09 -5.90
N TYR A 48 2.61 1.20 -5.51
CA TYR A 48 2.39 0.85 -4.11
C TYR A 48 3.70 0.33 -3.53
N ARG A 49 4.41 -0.51 -4.31
CA ARG A 49 5.69 -1.09 -3.91
C ARG A 49 6.65 0.04 -3.59
N HIS A 50 6.77 1.03 -4.48
CA HIS A 50 7.65 2.17 -4.27
C HIS A 50 7.33 2.84 -2.94
N LYS A 51 6.07 3.15 -2.68
CA LYS A 51 5.67 3.82 -1.44
C LYS A 51 6.13 3.02 -0.23
N VAL A 52 5.98 1.69 -0.21
CA VAL A 52 6.40 0.86 0.91
C VAL A 52 7.86 1.18 1.22
N SER A 53 8.74 1.07 0.22
CA SER A 53 10.14 1.37 0.39
C SER A 53 10.33 2.83 0.84
N GLU A 54 9.63 3.79 0.22
CA GLU A 54 9.71 5.23 0.52
C GLU A 54 9.46 5.54 1.99
N PHE A 55 8.35 5.03 2.52
CA PHE A 55 7.95 5.22 3.91
C PHE A 55 8.95 4.56 4.86
N LYS A 56 9.59 3.49 4.40
CA LYS A 56 10.58 2.78 5.21
C LYS A 56 11.90 3.55 5.24
N GLU A 57 12.30 4.13 4.11
CA GLU A 57 13.53 4.89 4.02
C GLU A 57 13.43 6.15 4.88
N GLY A 58 12.21 6.55 5.26
CA GLY A 58 11.92 7.69 6.11
C GLY A 58 12.11 9.03 5.41
N LYS A 59 11.92 9.06 4.10
CA LYS A 59 12.11 10.29 3.29
C LYS A 59 10.87 10.76 2.53
N ALA A 60 9.84 9.92 2.42
CA ALA A 60 8.62 10.26 1.70
C ALA A 60 7.89 11.44 2.35
N GLN A 61 6.87 11.96 1.67
CA GLN A 61 6.05 13.08 2.15
C GLN A 61 4.64 12.53 2.38
N GLU A 62 4.12 12.63 3.60
CA GLU A 62 2.78 12.14 3.92
C GLU A 62 1.70 13.10 3.40
N PRO A 63 0.56 12.58 2.93
CA PRO A 63 -0.54 13.37 2.42
C PRO A 63 -1.27 14.10 3.55
N SER A 64 -2.25 14.89 3.17
CA SER A 64 -3.11 15.67 4.05
C SER A 64 -4.48 15.57 3.42
N GLY A 1 -5.86 11.66 -6.88
CA GLY A 1 -6.52 10.39 -7.15
C GLY A 1 -6.68 9.52 -5.92
N GLU A 2 -7.92 9.11 -5.65
CA GLU A 2 -8.33 8.26 -4.54
C GLU A 2 -7.50 6.99 -4.44
N VAL A 3 -7.33 6.28 -5.55
CA VAL A 3 -6.53 5.06 -5.59
C VAL A 3 -5.10 5.35 -5.11
N ARG A 4 -4.49 6.46 -5.53
CA ARG A 4 -3.13 6.78 -5.07
C ARG A 4 -3.16 7.07 -3.56
N ASN A 5 -4.21 7.74 -3.08
CA ASN A 5 -4.38 8.09 -1.67
C ASN A 5 -4.38 6.83 -0.83
N ILE A 6 -5.27 5.90 -1.17
CA ILE A 6 -5.39 4.67 -0.43
C ILE A 6 -4.11 3.84 -0.52
N VAL A 7 -3.43 3.88 -1.67
CA VAL A 7 -2.22 3.14 -1.92
C VAL A 7 -1.20 3.65 -0.92
N ASP A 8 -0.89 4.94 -0.95
CA ASP A 8 0.09 5.55 -0.08
C ASP A 8 -0.27 5.38 1.41
N LYS A 9 -1.52 5.59 1.80
CA LYS A 9 -1.93 5.45 3.19
C LYS A 9 -1.74 4.00 3.63
N THR A 10 -2.20 3.05 2.82
CA THR A 10 -2.01 1.64 3.15
C THR A 10 -0.50 1.37 3.26
N ALA A 11 0.33 1.90 2.35
CA ALA A 11 1.78 1.68 2.40
C ALA A 11 2.32 2.22 3.72
N SER A 12 1.96 3.41 4.17
CA SER A 12 2.47 3.97 5.43
C SER A 12 2.38 2.92 6.55
N PHE A 13 1.21 2.32 6.78
CA PHE A 13 1.04 1.33 7.84
C PHE A 13 1.90 0.08 7.61
N VAL A 14 1.89 -0.44 6.38
CA VAL A 14 2.66 -1.63 5.98
C VAL A 14 4.17 -1.36 6.14
N ALA A 15 4.60 -0.13 5.95
CA ALA A 15 5.98 0.30 6.07
C ALA A 15 6.34 0.38 7.55
N ARG A 16 5.42 0.88 8.39
CA ARG A 16 5.67 1.00 9.82
C ARG A 16 5.70 -0.33 10.54
N ASN A 17 4.73 -1.20 10.25
CA ASN A 17 4.63 -2.51 10.90
C ASN A 17 5.53 -3.56 10.24
N GLY A 18 5.53 -3.63 8.90
CA GLY A 18 6.29 -4.58 8.13
C GLY A 18 5.47 -5.16 6.97
N PRO A 19 6.12 -5.84 6.00
CA PRO A 19 5.48 -6.44 4.82
C PRO A 19 4.46 -7.51 5.20
N GLU A 20 4.44 -7.96 6.45
CA GLU A 20 3.49 -8.94 6.92
C GLU A 20 2.07 -8.38 6.77
N PHE A 21 1.91 -7.07 6.97
CA PHE A 21 0.62 -6.40 6.87
C PHE A 21 0.17 -6.32 5.43
N GLU A 22 1.09 -6.30 4.48
CA GLU A 22 0.73 -6.25 3.08
C GLU A 22 -0.06 -7.51 2.75
N ALA A 23 0.45 -8.66 3.20
CA ALA A 23 -0.17 -9.95 2.95
C ALA A 23 -1.44 -10.08 3.78
N ARG A 24 -1.41 -9.67 5.06
CA ARG A 24 -2.57 -9.75 5.94
C ARG A 24 -3.73 -8.97 5.36
N ILE A 25 -3.53 -7.66 5.15
CA ILE A 25 -4.56 -6.78 4.63
C ILE A 25 -5.04 -7.30 3.27
N ARG A 26 -4.13 -7.66 2.37
CA ARG A 26 -4.50 -8.16 1.06
C ARG A 26 -5.38 -9.39 1.19
N GLN A 27 -5.04 -10.34 2.05
CA GLN A 27 -5.81 -11.56 2.23
C GLN A 27 -7.16 -11.29 2.89
N ASN A 28 -7.20 -10.37 3.85
CA ASN A 28 -8.42 -10.05 4.57
C ASN A 28 -9.44 -9.35 3.69
N GLU A 29 -8.99 -8.51 2.77
CA GLU A 29 -9.82 -7.73 1.85
C GLU A 29 -9.64 -8.18 0.40
N ILE A 30 -9.27 -9.45 0.21
CA ILE A 30 -9.06 -10.11 -1.08
C ILE A 30 -10.33 -10.18 -1.93
N ASN A 31 -11.45 -9.78 -1.34
CA ASN A 31 -12.77 -9.76 -1.91
C ASN A 31 -13.26 -8.36 -2.25
N ASN A 32 -12.42 -7.31 -2.12
CA ASN A 32 -12.82 -5.93 -2.38
C ASN A 32 -11.85 -5.27 -3.35
N PRO A 33 -12.37 -4.61 -4.40
CA PRO A 33 -11.55 -3.92 -5.38
C PRO A 33 -10.83 -2.73 -4.72
N LYS A 34 -11.32 -2.23 -3.58
CA LYS A 34 -10.74 -1.14 -2.81
C LYS A 34 -9.30 -1.47 -2.41
N PHE A 35 -8.97 -2.76 -2.24
CA PHE A 35 -7.66 -3.24 -1.84
C PHE A 35 -6.94 -4.01 -2.95
N ASN A 36 -7.52 -4.09 -4.15
CA ASN A 36 -6.91 -4.79 -5.27
C ASN A 36 -5.52 -4.25 -5.61
N PHE A 37 -5.21 -2.99 -5.27
CA PHE A 37 -3.90 -2.39 -5.54
C PHE A 37 -2.78 -3.20 -4.85
N LEU A 38 -3.11 -3.97 -3.82
CA LEU A 38 -2.15 -4.79 -3.09
C LEU A 38 -1.72 -6.00 -3.92
N ASN A 39 -2.51 -6.38 -4.93
CA ASN A 39 -2.21 -7.50 -5.82
C ASN A 39 -1.48 -6.99 -7.06
N PRO A 40 -0.65 -7.84 -7.68
CA PRO A 40 0.12 -7.51 -8.87
C PRO A 40 -0.74 -7.36 -10.13
N ASN A 41 -2.01 -7.73 -10.06
CA ASN A 41 -2.94 -7.64 -11.18
C ASN A 41 -3.35 -6.18 -11.43
N ASP A 42 -3.21 -5.30 -10.43
CA ASP A 42 -3.55 -3.89 -10.56
C ASP A 42 -2.30 -3.13 -11.00
N PRO A 43 -2.43 -2.07 -11.81
CA PRO A 43 -1.30 -1.29 -12.29
C PRO A 43 -0.67 -0.46 -11.18
N TYR A 44 -1.47 0.02 -10.23
CA TYR A 44 -1.01 0.84 -9.11
C TYR A 44 -0.11 0.06 -8.17
N HIS A 45 -0.06 -1.27 -8.29
CA HIS A 45 0.78 -2.11 -7.47
C HIS A 45 2.25 -1.67 -7.56
N ALA A 46 2.76 -1.44 -8.77
CA ALA A 46 4.15 -1.01 -8.97
C ALA A 46 4.45 0.29 -8.23
N TYR A 47 3.47 1.19 -8.15
CA TYR A 47 3.59 2.47 -7.47
C TYR A 47 3.55 2.23 -5.96
N TYR A 48 2.65 1.36 -5.51
CA TYR A 48 2.50 1.01 -4.10
C TYR A 48 3.83 0.51 -3.56
N ARG A 49 4.57 -0.28 -4.36
CA ARG A 49 5.87 -0.82 -3.96
C ARG A 49 6.83 0.30 -3.58
N HIS A 50 6.90 1.36 -4.38
CA HIS A 50 7.77 2.49 -4.11
C HIS A 50 7.42 3.11 -2.78
N LYS A 51 6.14 3.41 -2.54
CA LYS A 51 5.70 4.03 -1.30
C LYS A 51 6.12 3.20 -0.09
N VAL A 52 6.01 1.87 -0.14
CA VAL A 52 6.42 1.04 0.99
C VAL A 52 7.85 1.40 1.36
N SER A 53 8.80 1.27 0.44
CA SER A 53 10.18 1.61 0.74
C SER A 53 10.25 3.09 1.16
N GLU A 54 9.56 4.02 0.50
CA GLU A 54 9.57 5.44 0.81
C GLU A 54 9.27 5.71 2.30
N PHE A 55 8.13 5.20 2.77
CA PHE A 55 7.67 5.36 4.15
C PHE A 55 8.59 4.64 5.13
N LYS A 56 9.32 3.61 4.67
CA LYS A 56 10.26 2.87 5.50
C LYS A 56 11.61 3.56 5.59
N GLU A 57 12.10 4.12 4.47
CA GLU A 57 13.38 4.84 4.41
C GLU A 57 13.30 6.08 5.29
N GLY A 58 12.08 6.51 5.64
CA GLY A 58 11.78 7.65 6.49
C GLY A 58 11.93 8.99 5.78
N LYS A 59 11.90 8.98 4.44
CA LYS A 59 12.06 10.20 3.65
C LYS A 59 10.78 10.66 2.97
N ALA A 60 9.77 9.78 2.88
CA ALA A 60 8.53 10.10 2.22
C ALA A 60 7.79 11.24 2.91
N GLN A 61 7.04 11.99 2.12
CA GLN A 61 6.21 13.08 2.60
C GLN A 61 4.89 12.37 2.92
N GLU A 62 4.49 12.36 4.18
CA GLU A 62 3.26 11.73 4.61
C GLU A 62 2.08 12.40 3.88
N PRO A 63 0.93 11.73 3.75
CA PRO A 63 -0.23 12.26 3.05
C PRO A 63 -0.90 13.41 3.78
N SER A 64 -1.94 13.93 3.15
CA SER A 64 -2.74 15.02 3.67
C SER A 64 -4.15 14.85 3.15
N GLY A 1 -8.01 12.29 -6.63
CA GLY A 1 -8.42 10.91 -6.90
C GLY A 1 -8.63 10.15 -5.61
N GLU A 2 -8.37 8.84 -5.60
CA GLU A 2 -8.57 8.02 -4.40
C GLU A 2 -7.59 6.86 -4.34
N VAL A 3 -7.51 6.05 -5.39
CA VAL A 3 -6.61 4.89 -5.39
C VAL A 3 -5.19 5.27 -4.94
N ARG A 4 -4.67 6.42 -5.37
CA ARG A 4 -3.34 6.87 -4.96
C ARG A 4 -3.30 7.17 -3.46
N ASN A 5 -4.37 7.76 -2.89
CA ASN A 5 -4.46 8.10 -1.47
C ASN A 5 -4.36 6.81 -0.66
N ILE A 6 -5.30 5.89 -0.88
CA ILE A 6 -5.32 4.64 -0.13
C ILE A 6 -4.01 3.86 -0.30
N VAL A 7 -3.41 3.88 -1.50
CA VAL A 7 -2.15 3.20 -1.79
C VAL A 7 -1.11 3.78 -0.86
N ASP A 8 -0.82 5.07 -1.00
CA ASP A 8 0.16 5.83 -0.21
C ASP A 8 -0.04 5.61 1.28
N LYS A 9 -1.26 5.80 1.76
CA LYS A 9 -1.60 5.65 3.17
C LYS A 9 -1.37 4.24 3.64
N THR A 10 -1.88 3.24 2.91
CA THR A 10 -1.68 1.85 3.30
C THR A 10 -0.19 1.54 3.32
N ALA A 11 0.61 2.04 2.37
CA ALA A 11 2.05 1.77 2.36
C ALA A 11 2.72 2.19 3.65
N SER A 12 2.36 3.34 4.23
CA SER A 12 2.91 3.87 5.46
C SER A 12 2.77 2.87 6.62
N PHE A 13 1.56 2.39 6.90
CA PHE A 13 1.36 1.45 8.00
C PHE A 13 2.08 0.13 7.75
N VAL A 14 2.04 -0.36 6.51
CA VAL A 14 2.69 -1.59 6.12
C VAL A 14 4.21 -1.42 6.26
N ALA A 15 4.75 -0.23 6.01
CA ALA A 15 6.17 0.09 6.08
C ALA A 15 6.56 0.10 7.56
N ARG A 16 5.72 0.70 8.42
CA ARG A 16 6.03 0.77 9.83
C ARG A 16 6.00 -0.59 10.52
N ASN A 17 4.92 -1.34 10.30
CA ASN A 17 4.77 -2.64 10.93
C ASN A 17 5.60 -3.74 10.29
N GLY A 18 5.58 -3.82 8.96
CA GLY A 18 6.30 -4.83 8.20
C GLY A 18 5.42 -5.44 7.10
N PRO A 19 6.01 -6.24 6.20
CA PRO A 19 5.30 -6.88 5.09
C PRO A 19 4.21 -7.86 5.52
N GLU A 20 4.15 -8.24 6.81
CA GLU A 20 3.12 -9.14 7.30
C GLU A 20 1.73 -8.53 7.05
N PHE A 21 1.64 -7.21 7.23
CA PHE A 21 0.41 -6.45 7.06
C PHE A 21 0.04 -6.38 5.60
N GLU A 22 1.02 -6.34 4.70
CA GLU A 22 0.79 -6.28 3.28
C GLU A 22 -0.02 -7.51 2.85
N ALA A 23 0.46 -8.68 3.30
CA ALA A 23 -0.14 -9.95 2.99
C ALA A 23 -1.47 -10.12 3.74
N ARG A 24 -1.54 -9.71 5.01
CA ARG A 24 -2.73 -9.81 5.85
C ARG A 24 -3.85 -9.00 5.25
N ILE A 25 -3.64 -7.69 5.07
CA ILE A 25 -4.64 -6.78 4.53
C ILE A 25 -5.10 -7.32 3.17
N ARG A 26 -4.16 -7.73 2.32
CA ARG A 26 -4.50 -8.26 1.00
C ARG A 26 -5.41 -9.47 1.12
N GLN A 27 -5.07 -10.44 1.96
CA GLN A 27 -5.86 -11.65 2.15
C GLN A 27 -7.26 -11.32 2.69
N ASN A 28 -7.34 -10.39 3.63
CA ASN A 28 -8.59 -9.99 4.27
C ASN A 28 -9.59 -9.33 3.34
N GLU A 29 -9.11 -8.68 2.28
CA GLU A 29 -9.93 -7.96 1.32
C GLU A 29 -9.64 -8.38 -0.13
N ILE A 30 -9.20 -9.62 -0.32
CA ILE A 30 -8.86 -10.21 -1.61
C ILE A 30 -10.03 -10.23 -2.63
N ASN A 31 -11.25 -9.93 -2.17
CA ASN A 31 -12.47 -9.91 -2.98
C ASN A 31 -13.02 -8.48 -3.15
N ASN A 32 -12.31 -7.46 -2.67
CA ASN A 32 -12.74 -6.07 -2.76
C ASN A 32 -11.79 -5.22 -3.62
N PRO A 33 -12.33 -4.26 -4.40
CA PRO A 33 -11.51 -3.41 -5.24
C PRO A 33 -10.70 -2.42 -4.43
N LYS A 34 -11.21 -2.00 -3.27
CA LYS A 34 -10.53 -1.07 -2.37
C LYS A 34 -9.14 -1.50 -1.96
N PHE A 35 -8.80 -2.78 -2.06
CA PHE A 35 -7.50 -3.34 -1.69
C PHE A 35 -6.83 -4.08 -2.83
N ASN A 36 -7.40 -4.05 -4.05
CA ASN A 36 -6.81 -4.75 -5.19
C ASN A 36 -5.42 -4.25 -5.52
N PHE A 37 -5.03 -3.04 -5.09
CA PHE A 37 -3.71 -2.46 -5.32
C PHE A 37 -2.60 -3.32 -4.69
N LEU A 38 -2.94 -4.15 -3.70
CA LEU A 38 -2.00 -5.03 -3.02
C LEU A 38 -1.69 -6.27 -3.87
N ASN A 39 -2.50 -6.56 -4.89
CA ASN A 39 -2.30 -7.71 -5.77
C ASN A 39 -1.33 -7.30 -6.88
N PRO A 40 -0.45 -8.19 -7.34
CA PRO A 40 0.55 -7.90 -8.37
C PRO A 40 0.02 -7.51 -9.75
N ASN A 41 -1.21 -7.91 -10.06
CA ASN A 41 -1.92 -7.66 -11.32
C ASN A 41 -2.59 -6.29 -11.33
N ASP A 42 -2.44 -5.47 -10.29
CA ASP A 42 -3.04 -4.15 -10.28
C ASP A 42 -2.13 -3.17 -11.03
N PRO A 43 -2.69 -2.21 -11.76
CA PRO A 43 -1.93 -1.21 -12.49
C PRO A 43 -1.14 -0.32 -11.55
N TYR A 44 -1.57 -0.16 -10.29
CA TYR A 44 -0.90 0.66 -9.30
C TYR A 44 0.01 -0.12 -8.38
N HIS A 45 0.03 -1.45 -8.48
CA HIS A 45 0.88 -2.26 -7.62
C HIS A 45 2.34 -1.78 -7.63
N ALA A 46 2.91 -1.55 -8.81
CA ALA A 46 4.29 -1.09 -8.95
C ALA A 46 4.56 0.24 -8.25
N TYR A 47 3.57 1.13 -8.19
CA TYR A 47 3.66 2.43 -7.53
C TYR A 47 3.54 2.18 -6.03
N TYR A 48 2.63 1.30 -5.61
CA TYR A 48 2.44 0.96 -4.20
C TYR A 48 3.78 0.46 -3.64
N ARG A 49 4.49 -0.38 -4.40
CA ARG A 49 5.79 -0.92 -3.98
C ARG A 49 6.77 0.20 -3.67
N HIS A 50 6.80 1.23 -4.51
CA HIS A 50 7.69 2.36 -4.31
C HIS A 50 7.35 3.01 -2.97
N LYS A 51 6.08 3.38 -2.76
CA LYS A 51 5.64 4.03 -1.54
C LYS A 51 6.05 3.26 -0.29
N VAL A 52 5.90 1.95 -0.27
CA VAL A 52 6.28 1.16 0.91
C VAL A 52 7.72 1.50 1.26
N SER A 53 8.63 1.21 0.35
CA SER A 53 10.03 1.47 0.53
C SER A 53 10.26 2.95 0.90
N GLU A 54 9.57 3.89 0.26
CA GLU A 54 9.65 5.34 0.51
C GLU A 54 9.39 5.63 1.99
N PHE A 55 8.26 5.14 2.51
CA PHE A 55 7.88 5.33 3.89
C PHE A 55 8.85 4.63 4.82
N LYS A 56 9.41 3.50 4.39
CA LYS A 56 10.37 2.73 5.20
C LYS A 56 11.70 3.45 5.27
N GLU A 57 12.13 4.12 4.20
CA GLU A 57 13.40 4.84 4.20
C GLU A 57 13.27 6.06 5.11
N GLY A 58 12.03 6.49 5.39
CA GLY A 58 11.69 7.61 6.26
C GLY A 58 11.78 8.96 5.54
N LYS A 59 11.73 8.96 4.20
CA LYS A 59 11.81 10.17 3.38
C LYS A 59 10.50 10.53 2.71
N ALA A 60 9.56 9.59 2.62
CA ALA A 60 8.28 9.78 1.98
C ALA A 60 7.47 10.91 2.59
N GLN A 61 6.90 11.73 1.72
CA GLN A 61 6.04 12.80 2.16
C GLN A 61 4.70 12.10 2.41
N GLU A 62 4.06 12.43 3.53
CA GLU A 62 2.78 11.86 3.95
C GLU A 62 1.67 12.89 3.75
N PRO A 63 0.39 12.46 3.65
CA PRO A 63 -0.75 13.34 3.47
C PRO A 63 -1.22 13.91 4.81
N SER A 64 -2.34 14.62 4.78
CA SER A 64 -3.03 15.24 5.90
C SER A 64 -4.50 15.24 5.52
N GLY A 1 -7.55 12.03 -7.36
CA GLY A 1 -8.05 10.65 -7.45
C GLY A 1 -8.05 9.98 -6.08
N GLU A 2 -8.65 8.78 -5.98
CA GLU A 2 -8.75 8.03 -4.73
C GLU A 2 -7.72 6.92 -4.64
N VAL A 3 -7.59 6.11 -5.68
CA VAL A 3 -6.66 4.99 -5.71
C VAL A 3 -5.28 5.40 -5.20
N ARG A 4 -4.71 6.52 -5.65
CA ARG A 4 -3.39 6.94 -5.15
C ARG A 4 -3.43 7.28 -3.66
N ASN A 5 -4.52 7.88 -3.17
CA ASN A 5 -4.67 8.26 -1.76
C ASN A 5 -4.69 7.02 -0.88
N ILE A 6 -5.55 6.05 -1.19
CA ILE A 6 -5.62 4.84 -0.38
C ILE A 6 -4.28 4.09 -0.46
N VAL A 7 -3.65 4.09 -1.63
CA VAL A 7 -2.39 3.41 -1.87
C VAL A 7 -1.36 3.99 -0.92
N ASP A 8 -1.04 5.28 -1.07
CA ASP A 8 -0.04 5.96 -0.24
C ASP A 8 -0.30 5.80 1.25
N LYS A 9 -1.54 6.01 1.71
CA LYS A 9 -1.84 5.88 3.12
C LYS A 9 -1.68 4.44 3.58
N THR A 10 -2.19 3.47 2.80
CA THR A 10 -2.04 2.08 3.19
C THR A 10 -0.54 1.75 3.27
N ALA A 11 0.29 2.28 2.35
CA ALA A 11 1.72 2.00 2.38
C ALA A 11 2.31 2.56 3.67
N SER A 12 2.02 3.79 4.07
CA SER A 12 2.55 4.37 5.31
C SER A 12 2.42 3.37 6.49
N PHE A 13 1.25 2.77 6.67
CA PHE A 13 1.02 1.82 7.75
C PHE A 13 1.78 0.51 7.56
N VAL A 14 1.76 -0.06 6.35
CA VAL A 14 2.46 -1.30 6.03
C VAL A 14 3.98 -1.09 6.14
N ALA A 15 4.47 0.12 5.90
CA ALA A 15 5.86 0.48 5.97
C ALA A 15 6.25 0.58 7.44
N ARG A 16 5.41 1.19 8.28
CA ARG A 16 5.76 1.33 9.69
C ARG A 16 5.65 0.01 10.46
N ASN A 17 4.63 -0.78 10.16
CA ASN A 17 4.39 -2.06 10.85
C ASN A 17 5.13 -3.24 10.23
N GLY A 18 5.52 -3.15 8.96
CA GLY A 18 6.24 -4.19 8.23
C GLY A 18 5.39 -4.85 7.13
N PRO A 19 6.05 -5.53 6.16
CA PRO A 19 5.40 -6.20 5.04
C PRO A 19 4.42 -7.30 5.42
N GLU A 20 4.45 -7.77 6.67
CA GLU A 20 3.55 -8.81 7.17
C GLU A 20 2.10 -8.34 7.04
N PHE A 21 1.85 -7.03 7.20
CA PHE A 21 0.54 -6.44 7.10
C PHE A 21 0.10 -6.40 5.65
N GLU A 22 1.03 -6.26 4.72
CA GLU A 22 0.70 -6.21 3.32
C GLU A 22 -0.03 -7.48 2.91
N ALA A 23 0.53 -8.62 3.31
CA ALA A 23 -0.03 -9.92 2.99
C ALA A 23 -1.36 -10.09 3.71
N ARG A 24 -1.41 -9.77 5.01
CA ARG A 24 -2.61 -9.90 5.81
C ARG A 24 -3.76 -9.10 5.22
N ILE A 25 -3.58 -7.80 5.05
CA ILE A 25 -4.59 -6.92 4.51
C ILE A 25 -5.02 -7.43 3.13
N ARG A 26 -4.07 -7.77 2.25
CA ARG A 26 -4.38 -8.27 0.92
C ARG A 26 -5.32 -9.47 0.99
N GLN A 27 -5.02 -10.41 1.88
CA GLN A 27 -5.82 -11.62 2.05
C GLN A 27 -7.17 -11.38 2.72
N ASN A 28 -7.21 -10.54 3.76
CA ASN A 28 -8.43 -10.24 4.49
C ASN A 28 -9.46 -9.57 3.61
N GLU A 29 -9.03 -8.69 2.71
CA GLU A 29 -9.91 -7.94 1.84
C GLU A 29 -9.68 -8.25 0.35
N ILE A 30 -9.27 -9.48 0.06
CA ILE A 30 -9.01 -9.96 -1.31
C ILE A 30 -10.25 -9.85 -2.21
N ASN A 31 -11.42 -9.76 -1.59
CA ASN A 31 -12.72 -9.67 -2.24
C ASN A 31 -13.20 -8.24 -2.48
N ASN A 32 -12.41 -7.20 -2.21
CA ASN A 32 -12.86 -5.82 -2.43
C ASN A 32 -11.83 -5.02 -3.22
N PRO A 33 -12.25 -4.29 -4.27
CA PRO A 33 -11.36 -3.46 -5.07
C PRO A 33 -10.69 -2.38 -4.22
N LYS A 34 -11.27 -2.05 -3.06
CA LYS A 34 -10.73 -1.09 -2.10
C LYS A 34 -9.33 -1.50 -1.64
N PHE A 35 -8.87 -2.73 -1.93
CA PHE A 35 -7.58 -3.27 -1.56
C PHE A 35 -6.90 -4.00 -2.73
N ASN A 36 -7.46 -3.98 -3.94
CA ASN A 36 -6.88 -4.66 -5.10
C ASN A 36 -5.47 -4.19 -5.46
N PHE A 37 -5.10 -2.97 -5.07
CA PHE A 37 -3.79 -2.40 -5.37
C PHE A 37 -2.65 -3.18 -4.71
N LEU A 38 -2.97 -4.01 -3.71
CA LEU A 38 -2.00 -4.82 -3.01
C LEU A 38 -1.56 -6.02 -3.86
N ASN A 39 -2.36 -6.43 -4.85
CA ASN A 39 -2.04 -7.54 -5.73
C ASN A 39 -1.25 -7.07 -6.95
N PRO A 40 -0.43 -7.95 -7.55
CA PRO A 40 0.39 -7.64 -8.72
C PRO A 40 -0.41 -7.42 -10.00
N ASN A 41 -1.65 -7.89 -10.04
CA ASN A 41 -2.54 -7.76 -11.18
C ASN A 41 -2.97 -6.31 -11.42
N ASP A 42 -2.84 -5.44 -10.42
CA ASP A 42 -3.23 -4.05 -10.51
C ASP A 42 -2.06 -3.20 -10.99
N PRO A 43 -2.29 -2.17 -11.81
CA PRO A 43 -1.25 -1.32 -12.32
C PRO A 43 -0.65 -0.45 -11.21
N TYR A 44 -1.46 -0.08 -10.23
CA TYR A 44 -1.02 0.74 -9.11
C TYR A 44 -0.13 -0.05 -8.16
N HIS A 45 -0.01 -1.37 -8.32
CA HIS A 45 0.82 -2.18 -7.47
C HIS A 45 2.26 -1.71 -7.48
N ALA A 46 2.89 -1.55 -8.64
CA ALA A 46 4.27 -1.09 -8.73
C ALA A 46 4.47 0.27 -8.05
N TYR A 47 3.43 1.11 -8.05
CA TYR A 47 3.46 2.41 -7.44
C TYR A 47 3.34 2.23 -5.92
N TYR A 48 2.44 1.34 -5.46
CA TYR A 48 2.24 1.06 -4.06
C TYR A 48 3.55 0.53 -3.46
N ARG A 49 4.22 -0.35 -4.21
CA ARG A 49 5.50 -0.98 -3.84
C ARG A 49 6.50 0.12 -3.54
N HIS A 50 6.62 1.12 -4.43
CA HIS A 50 7.53 2.24 -4.25
C HIS A 50 7.21 2.94 -2.95
N LYS A 51 5.95 3.32 -2.71
CA LYS A 51 5.58 4.00 -1.48
C LYS A 51 6.00 3.21 -0.26
N VAL A 52 5.79 1.89 -0.22
CA VAL A 52 6.20 1.07 0.93
C VAL A 52 7.67 1.33 1.24
N SER A 53 8.50 1.10 0.24
CA SER A 53 9.94 1.29 0.35
C SER A 53 10.28 2.71 0.79
N GLU A 54 9.58 3.71 0.29
CA GLU A 54 9.77 5.12 0.57
C GLU A 54 9.40 5.52 1.99
N PHE A 55 8.21 5.15 2.45
CA PHE A 55 7.74 5.45 3.80
C PHE A 55 8.66 4.78 4.82
N LYS A 56 9.20 3.60 4.49
CA LYS A 56 10.11 2.88 5.37
C LYS A 56 11.40 3.66 5.59
N GLU A 57 11.95 4.21 4.51
CA GLU A 57 13.19 4.99 4.57
C GLU A 57 12.95 6.33 5.28
N GLY A 58 11.68 6.71 5.43
CA GLY A 58 11.28 7.95 6.08
C GLY A 58 11.73 9.15 5.27
N LYS A 59 11.66 9.06 3.93
CA LYS A 59 12.07 10.14 3.03
C LYS A 59 10.93 10.71 2.22
N ALA A 60 9.85 9.94 2.03
CA ALA A 60 8.72 10.41 1.26
C ALA A 60 7.99 11.54 1.98
N GLN A 61 7.04 12.14 1.29
CA GLN A 61 6.21 13.22 1.81
C GLN A 61 4.88 12.58 2.14
N GLU A 62 4.53 12.57 3.43
CA GLU A 62 3.30 11.97 3.92
C GLU A 62 2.08 12.79 3.46
N PRO A 63 0.88 12.19 3.38
CA PRO A 63 -0.33 12.88 2.95
C PRO A 63 -0.92 13.71 4.09
N SER A 64 -2.09 14.30 3.87
CA SER A 64 -2.82 15.11 4.83
C SER A 64 -4.29 15.05 4.43
N GLY A 1 -7.57 11.95 -7.44
CA GLY A 1 -8.25 10.64 -7.52
C GLY A 1 -8.35 10.00 -6.16
N GLU A 2 -8.38 8.66 -6.10
CA GLU A 2 -8.49 7.88 -4.87
C GLU A 2 -7.42 6.81 -4.76
N VAL A 3 -7.27 5.97 -5.78
CA VAL A 3 -6.29 4.88 -5.78
C VAL A 3 -4.94 5.34 -5.24
N ARG A 4 -4.39 6.46 -5.73
CA ARG A 4 -3.10 6.95 -5.24
C ARG A 4 -3.16 7.28 -3.73
N ASN A 5 -4.27 7.84 -3.26
CA ASN A 5 -4.48 8.25 -1.87
C ASN A 5 -4.50 7.04 -0.96
N ILE A 6 -5.36 6.05 -1.24
CA ILE A 6 -5.46 4.85 -0.43
C ILE A 6 -4.15 4.06 -0.50
N VAL A 7 -3.45 4.06 -1.64
CA VAL A 7 -2.20 3.36 -1.83
C VAL A 7 -1.19 3.93 -0.84
N ASP A 8 -0.98 5.25 -0.88
CA ASP A 8 -0.08 5.99 -0.02
C ASP A 8 -0.36 5.69 1.45
N LYS A 9 -1.61 5.84 1.89
CA LYS A 9 -2.00 5.60 3.27
C LYS A 9 -1.82 4.15 3.68
N THR A 10 -2.24 3.20 2.83
CA THR A 10 -2.07 1.79 3.16
C THR A 10 -0.58 1.46 3.24
N ALA A 11 0.23 2.03 2.34
CA ALA A 11 1.65 1.79 2.29
C ALA A 11 2.31 2.28 3.57
N SER A 12 1.89 3.43 4.12
CA SER A 12 2.41 3.99 5.35
C SER A 12 2.28 2.95 6.48
N PHE A 13 1.07 2.48 6.77
CA PHE A 13 0.87 1.50 7.82
C PHE A 13 1.70 0.24 7.63
N VAL A 14 1.71 -0.31 6.41
CA VAL A 14 2.47 -1.51 6.10
C VAL A 14 3.97 -1.24 6.29
N ALA A 15 4.45 -0.06 5.92
CA ALA A 15 5.83 0.34 6.06
C ALA A 15 6.19 0.45 7.54
N ARG A 16 5.24 0.94 8.36
CA ARG A 16 5.49 1.10 9.78
C ARG A 16 5.50 -0.22 10.53
N ASN A 17 4.46 -1.03 10.33
CA ASN A 17 4.31 -2.31 11.02
C ASN A 17 5.25 -3.37 10.44
N GLY A 18 5.34 -3.48 9.12
CA GLY A 18 6.20 -4.42 8.43
C GLY A 18 5.51 -5.08 7.22
N PRO A 19 6.28 -5.79 6.37
CA PRO A 19 5.78 -6.47 5.17
C PRO A 19 4.70 -7.50 5.47
N GLU A 20 4.60 -7.98 6.71
CA GLU A 20 3.59 -8.95 7.10
C GLU A 20 2.19 -8.38 6.85
N PHE A 21 1.99 -7.08 7.07
CA PHE A 21 0.70 -6.45 6.87
C PHE A 21 0.33 -6.34 5.41
N GLU A 22 1.32 -6.29 4.51
CA GLU A 22 1.05 -6.22 3.09
C GLU A 22 0.31 -7.49 2.67
N ALA A 23 0.69 -8.63 3.23
CA ALA A 23 0.07 -9.91 2.96
C ALA A 23 -1.22 -10.08 3.74
N ARG A 24 -1.25 -9.68 5.02
CA ARG A 24 -2.45 -9.80 5.85
C ARG A 24 -3.61 -9.06 5.22
N ILE A 25 -3.46 -7.74 5.05
CA ILE A 25 -4.49 -6.86 4.50
C ILE A 25 -4.93 -7.38 3.14
N ARG A 26 -3.98 -7.70 2.26
CA ARG A 26 -4.26 -8.20 0.93
C ARG A 26 -5.12 -9.46 0.98
N GLN A 27 -4.71 -10.47 1.75
CA GLN A 27 -5.45 -11.71 1.84
C GLN A 27 -6.81 -11.54 2.50
N ASN A 28 -6.92 -10.65 3.49
CA ASN A 28 -8.15 -10.41 4.21
C ASN A 28 -9.23 -9.80 3.34
N GLU A 29 -8.87 -8.81 2.52
CA GLU A 29 -9.80 -8.09 1.67
C GLU A 29 -9.71 -8.49 0.19
N ILE A 30 -9.03 -9.59 -0.15
CA ILE A 30 -8.82 -10.10 -1.51
C ILE A 30 -10.05 -10.16 -2.42
N ASN A 31 -11.24 -10.34 -1.84
CA ASN A 31 -12.49 -10.44 -2.59
C ASN A 31 -13.09 -9.08 -2.97
N ASN A 32 -12.55 -7.99 -2.45
CA ASN A 32 -13.05 -6.64 -2.72
C ASN A 32 -12.07 -5.85 -3.58
N PRO A 33 -12.52 -4.73 -4.15
CA PRO A 33 -11.71 -3.87 -4.98
C PRO A 33 -10.95 -2.80 -4.18
N LYS A 34 -11.44 -2.41 -3.00
CA LYS A 34 -10.82 -1.37 -2.17
C LYS A 34 -9.34 -1.59 -1.88
N PHE A 35 -8.91 -2.84 -1.70
CA PHE A 35 -7.55 -3.23 -1.38
C PHE A 35 -6.89 -4.00 -2.52
N ASN A 36 -7.55 -4.11 -3.69
CA ASN A 36 -7.01 -4.84 -4.83
C ASN A 36 -5.69 -4.24 -5.34
N PHE A 37 -5.36 -2.98 -5.02
CA PHE A 37 -4.10 -2.37 -5.46
C PHE A 37 -2.91 -3.11 -4.86
N LEU A 38 -3.11 -3.88 -3.79
CA LEU A 38 -2.08 -4.67 -3.15
C LEU A 38 -1.74 -5.88 -4.01
N ASN A 39 -2.66 -6.31 -4.88
CA ASN A 39 -2.51 -7.45 -5.77
C ASN A 39 -1.69 -7.05 -6.99
N PRO A 40 -0.90 -7.96 -7.59
CA PRO A 40 -0.10 -7.66 -8.77
C PRO A 40 -0.98 -7.55 -10.02
N ASN A 41 -2.24 -7.97 -9.93
CA ASN A 41 -3.22 -7.92 -11.02
C ASN A 41 -3.65 -6.47 -11.28
N ASP A 42 -3.25 -5.51 -10.45
CA ASP A 42 -3.58 -4.10 -10.59
C ASP A 42 -2.32 -3.36 -11.08
N PRO A 43 -2.47 -2.28 -11.85
CA PRO A 43 -1.33 -1.54 -12.38
C PRO A 43 -0.66 -0.70 -11.30
N TYR A 44 -1.43 -0.15 -10.36
CA TYR A 44 -0.94 0.69 -9.27
C TYR A 44 -0.12 -0.12 -8.26
N HIS A 45 -0.03 -1.44 -8.44
CA HIS A 45 0.72 -2.29 -7.56
C HIS A 45 2.17 -1.81 -7.47
N ALA A 46 2.86 -1.59 -8.60
CA ALA A 46 4.25 -1.12 -8.58
C ALA A 46 4.38 0.24 -7.88
N TYR A 47 3.36 1.09 -7.99
CA TYR A 47 3.34 2.40 -7.36
C TYR A 47 3.23 2.18 -5.84
N TYR A 48 2.36 1.28 -5.42
CA TYR A 48 2.17 0.95 -4.01
C TYR A 48 3.49 0.41 -3.45
N ARG A 49 4.17 -0.45 -4.20
CA ARG A 49 5.45 -1.04 -3.79
C ARG A 49 6.43 0.09 -3.50
N HIS A 50 6.49 1.10 -4.38
CA HIS A 50 7.35 2.25 -4.19
C HIS A 50 6.98 2.92 -2.87
N LYS A 51 5.71 3.30 -2.70
CA LYS A 51 5.24 3.96 -1.49
C LYS A 51 5.73 3.23 -0.24
N VAL A 52 5.59 1.90 -0.16
CA VAL A 52 6.03 1.13 1.00
C VAL A 52 7.51 1.37 1.28
N SER A 53 8.35 1.12 0.28
CA SER A 53 9.79 1.29 0.42
C SER A 53 10.11 2.71 0.90
N GLU A 54 9.41 3.70 0.36
CA GLU A 54 9.56 5.11 0.65
C GLU A 54 9.19 5.47 2.09
N PHE A 55 8.00 5.09 2.54
CA PHE A 55 7.57 5.37 3.89
C PHE A 55 8.49 4.68 4.89
N LYS A 56 9.03 3.51 4.54
CA LYS A 56 9.93 2.78 5.41
C LYS A 56 11.22 3.57 5.65
N GLU A 57 11.73 4.20 4.60
CA GLU A 57 12.95 5.00 4.67
C GLU A 57 12.69 6.35 5.35
N GLY A 58 11.42 6.73 5.47
CA GLY A 58 10.98 7.97 6.07
C GLY A 58 11.33 9.19 5.22
N LYS A 59 11.49 9.03 3.90
CA LYS A 59 11.84 10.13 2.99
C LYS A 59 10.68 10.61 2.13
N ALA A 60 9.59 9.83 2.11
CA ALA A 60 8.42 10.13 1.33
C ALA A 60 7.69 11.39 1.83
N GLN A 61 6.66 11.78 1.12
CA GLN A 61 5.82 12.93 1.42
C GLN A 61 4.54 12.32 1.98
N GLU A 62 4.50 12.12 3.30
CA GLU A 62 3.38 11.52 4.02
C GLU A 62 2.16 12.48 4.05
N PRO A 63 0.94 11.97 4.28
CA PRO A 63 -0.27 12.78 4.34
C PRO A 63 -0.33 13.55 5.68
N SER A 64 -1.47 14.21 5.94
CA SER A 64 -1.75 14.99 7.13
C SER A 64 -3.24 14.86 7.36
N GLY A 1 -7.04 11.36 -7.48
CA GLY A 1 -8.28 10.59 -7.46
C GLY A 1 -8.55 10.03 -6.07
N GLU A 2 -8.37 8.72 -5.90
CA GLU A 2 -8.57 8.01 -4.64
C GLU A 2 -7.59 6.86 -4.54
N VAL A 3 -7.42 6.10 -5.63
CA VAL A 3 -6.50 4.98 -5.68
C VAL A 3 -5.12 5.36 -5.15
N ARG A 4 -4.54 6.49 -5.57
CA ARG A 4 -3.22 6.86 -5.03
C ARG A 4 -3.33 7.20 -3.54
N ASN A 5 -4.42 7.85 -3.09
CA ASN A 5 -4.61 8.22 -1.69
C ASN A 5 -4.54 6.99 -0.80
N ILE A 6 -5.37 5.98 -1.10
CA ILE A 6 -5.42 4.75 -0.34
C ILE A 6 -4.11 3.98 -0.43
N VAL A 7 -3.47 3.98 -1.61
CA VAL A 7 -2.23 3.30 -1.86
C VAL A 7 -1.20 3.90 -0.90
N ASP A 8 -0.92 5.19 -1.00
CA ASP A 8 0.04 5.92 -0.19
C ASP A 8 -0.17 5.63 1.30
N LYS A 9 -1.40 5.84 1.78
CA LYS A 9 -1.76 5.64 3.17
C LYS A 9 -1.55 4.20 3.61
N THR A 10 -2.03 3.24 2.82
CA THR A 10 -1.84 1.84 3.17
C THR A 10 -0.33 1.53 3.21
N ALA A 11 0.48 2.08 2.30
CA ALA A 11 1.91 1.79 2.31
C ALA A 11 2.50 2.34 3.60
N SER A 12 2.19 3.56 4.02
CA SER A 12 2.69 4.17 5.25
C SER A 12 2.61 3.16 6.42
N PHE A 13 1.44 2.56 6.64
CA PHE A 13 1.24 1.59 7.72
C PHE A 13 1.99 0.29 7.48
N VAL A 14 1.93 -0.26 6.28
CA VAL A 14 2.62 -1.51 5.94
C VAL A 14 4.15 -1.33 6.02
N ALA A 15 4.63 -0.11 5.83
CA ALA A 15 6.03 0.24 5.89
C ALA A 15 6.45 0.37 7.35
N ARG A 16 5.63 1.03 8.18
CA ARG A 16 5.97 1.23 9.58
C ARG A 16 5.89 -0.02 10.45
N ASN A 17 4.93 -0.89 10.15
CA ASN A 17 4.74 -2.13 10.90
C ASN A 17 5.58 -3.26 10.34
N GLY A 18 5.60 -3.42 9.02
CA GLY A 18 6.36 -4.46 8.33
C GLY A 18 5.52 -5.13 7.23
N PRO A 19 6.17 -5.91 6.35
CA PRO A 19 5.52 -6.58 5.23
C PRO A 19 4.45 -7.60 5.65
N GLU A 20 4.41 -8.02 6.92
CA GLU A 20 3.42 -8.96 7.40
C GLU A 20 2.01 -8.43 7.22
N PHE A 21 1.84 -7.11 7.38
CA PHE A 21 0.55 -6.46 7.23
C PHE A 21 0.12 -6.50 5.78
N GLU A 22 1.07 -6.45 4.85
CA GLU A 22 0.77 -6.48 3.44
C GLU A 22 0.04 -7.77 3.11
N ALA A 23 0.50 -8.90 3.66
CA ALA A 23 -0.12 -10.19 3.41
C ALA A 23 -1.46 -10.29 4.15
N ARG A 24 -1.51 -9.89 5.43
CA ARG A 24 -2.72 -9.92 6.24
C ARG A 24 -3.82 -9.12 5.56
N ILE A 25 -3.60 -7.82 5.35
CA ILE A 25 -4.57 -6.93 4.74
C ILE A 25 -5.00 -7.48 3.37
N ARG A 26 -4.04 -7.88 2.53
CA ARG A 26 -4.35 -8.40 1.20
C ARG A 26 -5.31 -9.58 1.29
N GLN A 27 -5.05 -10.54 2.18
CA GLN A 27 -5.90 -11.71 2.31
C GLN A 27 -7.25 -11.34 2.92
N ASN A 28 -7.27 -10.45 3.90
CA ASN A 28 -8.48 -10.03 4.59
C ASN A 28 -9.49 -9.36 3.66
N GLU A 29 -9.02 -8.53 2.71
CA GLU A 29 -9.87 -7.81 1.77
C GLU A 29 -9.60 -8.24 0.32
N ILE A 30 -9.21 -9.50 0.11
CA ILE A 30 -8.90 -10.09 -1.19
C ILE A 30 -10.08 -10.07 -2.19
N ASN A 31 -11.28 -9.79 -1.68
CA ASN A 31 -12.53 -9.74 -2.42
C ASN A 31 -13.01 -8.31 -2.63
N ASN A 32 -12.20 -7.28 -2.34
CA ASN A 32 -12.64 -5.90 -2.52
C ASN A 32 -11.61 -5.06 -3.28
N PRO A 33 -12.06 -4.24 -4.24
CA PRO A 33 -11.20 -3.39 -5.04
C PRO A 33 -10.44 -2.35 -4.23
N LYS A 34 -10.94 -1.95 -3.06
CA LYS A 34 -10.27 -0.98 -2.20
C LYS A 34 -8.94 -1.49 -1.66
N PHE A 35 -8.57 -2.74 -1.95
CA PHE A 35 -7.33 -3.38 -1.52
C PHE A 35 -6.73 -4.24 -2.63
N ASN A 36 -7.32 -4.25 -3.83
CA ASN A 36 -6.82 -5.05 -4.94
C ASN A 36 -5.43 -4.59 -5.40
N PHE A 37 -5.03 -3.35 -5.06
CA PHE A 37 -3.74 -2.78 -5.42
C PHE A 37 -2.58 -3.53 -4.77
N LEU A 38 -2.85 -4.31 -3.71
CA LEU A 38 -1.84 -5.08 -3.00
C LEU A 38 -1.38 -6.30 -3.81
N ASN A 39 -2.12 -6.66 -4.86
CA ASN A 39 -1.81 -7.77 -5.76
C ASN A 39 -1.18 -7.20 -7.04
N PRO A 40 -0.38 -7.99 -7.76
CA PRO A 40 0.28 -7.56 -8.98
C PRO A 40 -0.65 -7.28 -10.16
N ASN A 41 -1.92 -7.70 -10.08
CA ASN A 41 -2.89 -7.50 -11.15
C ASN A 41 -3.31 -6.03 -11.29
N ASP A 42 -2.83 -5.14 -10.44
CA ASP A 42 -3.17 -3.72 -10.48
C ASP A 42 -2.07 -2.87 -11.08
N PRO A 43 -2.42 -1.86 -11.88
CA PRO A 43 -1.46 -0.96 -12.48
C PRO A 43 -0.80 -0.11 -11.40
N TYR A 44 -1.47 0.13 -10.27
CA TYR A 44 -0.90 0.90 -9.17
C TYR A 44 -0.05 0.03 -8.28
N HIS A 45 0.02 -1.28 -8.51
CA HIS A 45 0.83 -2.16 -7.69
C HIS A 45 2.29 -1.71 -7.64
N ALA A 46 2.94 -1.48 -8.78
CA ALA A 46 4.34 -1.03 -8.79
C ALA A 46 4.53 0.26 -8.00
N TYR A 47 3.56 1.18 -8.09
CA TYR A 47 3.61 2.44 -7.37
C TYR A 47 3.45 2.15 -5.88
N TYR A 48 2.53 1.27 -5.48
CA TYR A 48 2.33 0.93 -4.09
C TYR A 48 3.64 0.35 -3.52
N ARG A 49 4.32 -0.50 -4.30
CA ARG A 49 5.59 -1.11 -3.90
C ARG A 49 6.62 -0.02 -3.63
N HIS A 50 6.71 0.97 -4.53
CA HIS A 50 7.62 2.10 -4.39
C HIS A 50 7.34 2.81 -3.08
N LYS A 51 6.08 3.14 -2.80
CA LYS A 51 5.71 3.83 -1.58
C LYS A 51 6.14 3.03 -0.35
N VAL A 52 5.98 1.70 -0.34
CA VAL A 52 6.37 0.89 0.81
C VAL A 52 7.83 1.20 1.16
N SER A 53 8.75 1.01 0.21
CA SER A 53 10.16 1.27 0.39
C SER A 53 10.39 2.73 0.81
N GLU A 54 9.70 3.68 0.20
CA GLU A 54 9.84 5.10 0.50
C GLU A 54 9.41 5.47 1.91
N PHE A 55 8.22 5.04 2.35
CA PHE A 55 7.75 5.34 3.69
C PHE A 55 8.67 4.64 4.70
N LYS A 56 9.25 3.48 4.35
CA LYS A 56 10.16 2.72 5.21
C LYS A 56 11.42 3.56 5.44
N GLU A 57 11.94 4.18 4.40
CA GLU A 57 13.13 5.02 4.55
C GLU A 57 12.78 6.32 5.27
N GLY A 58 11.50 6.67 5.32
CA GLY A 58 10.99 7.87 5.96
C GLY A 58 11.19 9.09 5.06
N LYS A 59 11.04 8.97 3.73
CA LYS A 59 11.22 10.11 2.83
C LYS A 59 9.99 10.49 2.03
N ALA A 60 9.03 9.58 1.83
CA ALA A 60 7.84 9.96 1.09
C ALA A 60 7.13 11.10 1.81
N GLN A 61 6.50 11.94 1.02
CA GLN A 61 5.75 13.10 1.43
C GLN A 61 4.39 12.63 1.96
N GLU A 62 4.37 12.25 3.24
CA GLU A 62 3.17 11.78 3.91
C GLU A 62 2.13 12.90 3.95
N PRO A 63 0.83 12.57 3.91
CA PRO A 63 -0.26 13.54 3.94
C PRO A 63 -0.37 14.26 5.28
N SER A 64 -1.32 15.18 5.39
CA SER A 64 -1.58 15.98 6.57
C SER A 64 -3.06 16.31 6.55
#